data_5UAK
#
_entry.id   5UAK
#
_cell.length_a   1
_cell.length_b   1
_cell.length_c   1
_cell.angle_alpha   90
_cell.angle_beta   90
_cell.angle_gamma   90
#
_symmetry.space_group_name_H-M   'P 1'
#
loop_
_entity.id
_entity.type
_entity.pdbx_description
1 polymer 'Cystic fibrosis transmembrane conductance regulator'
2 polymer 'Cystic fibrosis transmembrane conductance regulator'
#
loop_
_entity_poly.entity_id
_entity_poly.type
_entity_poly.pdbx_seq_one_letter_code
_entity_poly.pdbx_strand_id
1 'polypeptide(L)'
;MQRSPLEKASVVSKLFFSWTRPILRKGYRQRLELSDIYQIPSVDSADNLSEKLEREWDRELASKKNPKLINALRRCFFWR
FMFYGIFLYLGEVTKAVQPLLLGRIIASYDPDNKEERSIAIYLGIGLCLLFIVRTLLLHPAIFGLHHIGMQMRIAMFSLI
YKKTLKLSSRVLDKISIGQLVSLLSNNLNKFDEGLALAHFVWIAPLQVALLMGLIWELLQASAFCGLGFLIVLALFQAGL
GRMMMKYRDQRAGKISERLVITSEMIENIQSVKAYCWEEAMEKMIENLRQTELKLTRKAAYVRYFNSSAFFFSGFFVVFL
SVLPYALIKGIILRKIFTTISFCIVLRMAVTRQFPWAVQTWYDSLGAINKIQDFLQKQEYKTLEYNLTTTEVVMENVTAF
WEEGFGELFEKAKQNNNNRKTSNGDDSLFFSNFSLLGTPVLKDINFKIERGQLLAVAGSTGAGKTSLLMVIMGELEPSEG
KIKHSGRISFCSQFSWIMPGTIKENIIFGVSYDEYRYRSVIKACQLEEDISKFAEKDNIVLGEGGITLSGGQRARISLAR
AVYKDADLYLLDSPFGYLDVLTEKEIFESCVCKLMANKTRILVTSKMEHLKKADKILILHEGSSYFYGTFSELQNLQPDF
SSKLMGCDSFDQFSAERRNSILTETLHRFSLEGDAPVSWTETKKQSFKQTGEFGEKRKNSILNPINSIRKFSIVQKTPLQ
MNGIEEDSDEPLERRLSLVPDSEQGEAILPRISVISTGPTLQARRRQSVLNLMTHSVNQGQNIHRKTTASTRKVSLAPQA
NLTELDIYSRRLSQETGLEISEEINEEDLKECFFDDMESIPAVTTWNTYLRYITVHKSLIFVLIWCLVIFLAEVAASLVV
LWLLGNTPLQDKGNSTHSRNNSYAVIITSTSSYYVFYIYVGVADTLLAMGFFRGLPLVHTLITVSKILHHKMLHSVLQAP
MSTLNTLKAGGILNRFSKDIAILDDLLPLTIFDFIQLLLIVIGAIAVVAVLQPYIFVATVPVIVAFIMLRAYFLQTSQQL
KQLESEGRSPIFTHLVTSLKGLWTLRAFGRQPYFETLFHKALNLHTANWFLYLSTLRWFQMRIEMIFVIFFIAVTFISIL
TTGEGEGRVGIILTLAMNIMSTLQWAVNSSIDVDSLMRSVSRVFKFIDMPTEGKPTKSTKPYKNGQLSKVMIIENSHVKK
DDIWPSGGQMTVKDLTAKYTEGGNAILENISFSISPGQRVGLLGRTGSGKSTLLSAFLRLLNTEGEIQIDGVSWDSITLQ
QWRKAFGVIPQKVFIFSGTFRKNLDPYEQWSDQEIWKVADEVGLRSVIEQFPGKLDFVLVDGGCVLSHGHKQLMCLARSV
LSKAKILLLDEPSAHLDPVTYQIIRRTLKQAFADCTVILCEHRIEAMLECQQFLVIEENKVRQYDSIQKLLNERSLFRQA
ISPSDRVKLFPHRNSSKCKSKPQIAALKEETEEEVQDTRLSNSLEVLFQ
;
A
2 'polypeptide(L)'
;(UNK)(UNK)(UNK)(UNK)(UNK)(UNK)(UNK)(UNK)(UNK)(UNK)(UNK)(UNK)(UNK)(UNK)(UNK)(UNK)
(UNK)(UNK)(UNK)
;
R
#
# COMPACT_ATOMS: atom_id res chain seq x y z
N PRO A 5 -2.17 -27.88 -15.84
CA PRO A 5 -2.84 -29.15 -15.58
C PRO A 5 -3.35 -29.28 -14.14
N LEU A 6 -4.32 -30.17 -13.94
CA LEU A 6 -4.88 -30.45 -12.61
C LEU A 6 -4.02 -31.51 -11.91
N GLU A 7 -3.45 -31.17 -10.75
CA GLU A 7 -2.52 -32.05 -10.03
C GLU A 7 -3.22 -33.23 -9.35
N LYS A 8 -2.43 -34.28 -9.07
CA LYS A 8 -2.90 -35.50 -8.40
C LYS A 8 -1.90 -35.87 -7.30
N ALA A 9 -2.23 -36.90 -6.53
CA ALA A 9 -1.38 -37.29 -5.38
C ALA A 9 -1.61 -38.73 -4.88
N SER A 10 -0.61 -39.23 -4.14
CA SER A 10 -0.68 -40.52 -3.42
C SER A 10 -0.64 -40.27 -1.91
N VAL A 11 -0.97 -41.31 -1.15
CA VAL A 11 -1.07 -41.22 0.32
C VAL A 11 0.20 -40.72 1.01
N VAL A 12 1.35 -41.11 0.46
CA VAL A 12 2.66 -40.70 1.00
C VAL A 12 2.93 -39.25 0.60
N SER A 13 2.88 -38.99 -0.70
CA SER A 13 3.13 -37.65 -1.27
C SER A 13 2.23 -36.57 -0.69
N LYS A 14 0.97 -36.92 -0.42
CA LYS A 14 0.01 -36.00 0.20
C LYS A 14 0.39 -35.66 1.65
N LEU A 15 0.97 -36.63 2.37
CA LEU A 15 1.38 -36.44 3.76
C LEU A 15 2.68 -35.62 3.85
N PHE A 16 3.70 -36.03 3.11
CA PHE A 16 5.01 -35.37 3.13
C PHE A 16 5.15 -34.15 2.21
N PHE A 17 4.19 -33.92 1.31
CA PHE A 17 4.26 -32.87 0.27
C PHE A 17 5.44 -33.12 -0.69
N SER A 18 5.29 -34.11 -1.57
CA SER A 18 6.37 -34.49 -2.51
C SER A 18 6.50 -33.51 -3.68
N TRP A 19 5.35 -33.09 -4.22
CA TRP A 19 5.29 -32.18 -5.38
C TRP A 19 6.07 -30.86 -5.24
N THR A 20 6.41 -30.48 -4.02
CA THR A 20 7.36 -29.38 -3.78
C THR A 20 8.74 -29.62 -4.41
N ARG A 21 9.21 -30.87 -4.42
CA ARG A 21 10.55 -31.21 -4.90
C ARG A 21 10.83 -30.81 -6.37
N PRO A 22 9.87 -31.09 -7.28
CA PRO A 22 9.95 -30.54 -8.64
C PRO A 22 10.07 -29.01 -8.71
N ILE A 23 9.23 -28.28 -7.98
CA ILE A 23 9.21 -26.81 -8.05
C ILE A 23 10.38 -26.13 -7.33
N LEU A 24 10.88 -26.76 -6.26
CA LEU A 24 12.13 -26.32 -5.64
C LEU A 24 13.35 -26.56 -6.54
N ARG A 25 13.38 -27.74 -7.18
CA ARG A 25 14.41 -28.07 -8.19
C ARG A 25 14.35 -27.14 -9.39
N LYS A 26 13.14 -26.81 -9.82
CA LYS A 26 12.91 -25.86 -10.92
C LYS A 26 13.31 -24.44 -10.52
N GLY A 27 12.88 -24.02 -9.33
CA GLY A 27 13.14 -22.67 -8.82
C GLY A 27 14.59 -22.39 -8.47
N TYR A 28 15.26 -23.38 -7.85
CA TYR A 28 16.69 -23.29 -7.56
C TYR A 28 17.53 -23.23 -8.84
N ARG A 29 17.13 -24.01 -9.85
CA ARG A 29 17.81 -24.04 -11.15
C ARG A 29 17.52 -22.76 -11.95
N GLN A 30 16.28 -22.62 -12.42
CA GLN A 30 15.91 -21.57 -13.39
C GLN A 30 14.95 -20.56 -12.77
N ARG A 31 14.91 -19.37 -13.37
CA ARG A 31 14.00 -18.30 -12.95
C ARG A 31 12.55 -18.68 -13.29
N LEU A 32 11.66 -18.51 -12.32
CA LEU A 32 10.25 -18.92 -12.45
C LEU A 32 9.45 -17.92 -13.27
N GLU A 33 8.27 -18.36 -13.70
CA GLU A 33 7.35 -17.56 -14.52
C GLU A 33 5.92 -17.78 -14.06
N LEU A 34 5.07 -16.77 -14.24
CA LEU A 34 3.64 -16.84 -13.87
C LEU A 34 2.90 -17.97 -14.63
N SER A 35 3.24 -18.14 -15.90
CA SER A 35 2.70 -19.22 -16.73
C SER A 35 3.22 -20.61 -16.31
N ASP A 36 4.41 -20.66 -15.73
CA ASP A 36 5.03 -21.92 -15.28
C ASP A 36 4.25 -22.62 -14.14
N ILE A 37 3.60 -21.84 -13.28
CA ILE A 37 2.87 -22.38 -12.13
C ILE A 37 1.60 -23.10 -12.59
N TYR A 38 1.37 -24.28 -12.02
CA TYR A 38 0.25 -25.16 -12.44
C TYR A 38 -1.09 -24.76 -11.78
N GLN A 39 -2.17 -25.33 -12.31
CA GLN A 39 -3.54 -24.86 -12.02
C GLN A 39 -4.06 -25.27 -10.64
N ILE A 40 -5.23 -24.74 -10.28
CA ILE A 40 -5.85 -24.93 -8.97
C ILE A 40 -6.63 -26.25 -9.00
N PRO A 41 -6.77 -26.93 -7.84
CA PRO A 41 -7.75 -28.02 -7.74
C PRO A 41 -9.19 -27.57 -7.98
N SER A 42 -10.02 -28.48 -8.50
CA SER A 42 -11.40 -28.18 -8.91
C SER A 42 -12.35 -27.77 -7.76
N VAL A 43 -11.97 -28.08 -6.52
CA VAL A 43 -12.73 -27.64 -5.34
C VAL A 43 -12.59 -26.12 -5.16
N ASP A 44 -11.35 -25.63 -5.22
CA ASP A 44 -11.08 -24.19 -5.05
C ASP A 44 -11.30 -23.42 -6.35
N SER A 45 -12.54 -22.94 -6.53
CA SER A 45 -12.90 -22.05 -7.64
C SER A 45 -14.06 -21.13 -7.25
N ALA A 46 -13.93 -19.84 -7.58
CA ALA A 46 -14.92 -18.82 -7.22
C ALA A 46 -16.36 -19.19 -7.62
N ASP A 47 -16.50 -19.84 -8.77
CA ASP A 47 -17.79 -20.36 -9.24
C ASP A 47 -18.40 -21.37 -8.26
N ASN A 48 -17.55 -22.25 -7.70
CA ASN A 48 -17.98 -23.18 -6.66
C ASN A 48 -18.22 -22.46 -5.33
N LEU A 49 -17.23 -21.67 -4.91
CA LEU A 49 -17.27 -21.03 -3.58
C LEU A 49 -18.36 -19.96 -3.42
N SER A 50 -18.75 -19.30 -4.52
CA SER A 50 -19.87 -18.35 -4.50
C SER A 50 -21.22 -19.06 -4.39
N GLU A 51 -21.41 -20.05 -5.25
CA GLU A 51 -22.69 -20.78 -5.37
C GLU A 51 -23.11 -21.45 -4.07
N LYS A 52 -22.15 -22.01 -3.33
CA LYS A 52 -22.43 -22.68 -2.06
C LYS A 52 -22.90 -21.71 -0.97
N LEU A 53 -22.20 -20.58 -0.82
CA LEU A 53 -22.60 -19.55 0.15
C LEU A 53 -23.87 -18.80 -0.28
N GLU A 54 -24.05 -18.63 -1.60
CA GLU A 54 -25.25 -17.97 -2.13
C GLU A 54 -26.54 -18.69 -1.70
N ARG A 55 -26.60 -19.99 -1.95
CA ARG A 55 -27.78 -20.80 -1.57
C ARG A 55 -27.99 -20.88 -0.06
N GLU A 56 -26.89 -21.01 0.70
CA GLU A 56 -26.93 -21.03 2.17
C GLU A 56 -27.46 -19.72 2.73
N TRP A 57 -26.88 -18.61 2.26
CA TRP A 57 -27.34 -17.27 2.65
C TRP A 57 -28.77 -16.98 2.17
N ASP A 58 -29.14 -17.52 1.00
CA ASP A 58 -30.50 -17.36 0.46
C ASP A 58 -31.55 -18.02 1.37
N ARG A 59 -31.34 -19.29 1.69
CA ARG A 59 -32.25 -20.02 2.59
C ARG A 59 -32.20 -19.49 4.04
N GLU A 60 -31.03 -18.99 4.45
CA GLU A 60 -30.87 -18.33 5.74
C GLU A 60 -31.63 -17.00 5.81
N LEU A 61 -31.61 -16.23 4.73
CA LEU A 61 -32.27 -14.94 4.68
C LEU A 61 -33.80 -15.06 4.75
N ALA A 62 -34.35 -16.04 4.04
CA ALA A 62 -35.80 -16.25 3.96
C ALA A 62 -36.45 -16.80 5.23
N SER A 63 -35.70 -17.57 6.02
CA SER A 63 -36.24 -18.27 7.20
C SER A 63 -36.39 -17.36 8.43
N LYS A 64 -35.27 -17.00 9.06
CA LYS A 64 -35.29 -16.25 10.33
C LYS A 64 -35.64 -14.77 10.15
N LYS A 65 -35.93 -14.12 11.27
CA LYS A 65 -36.16 -12.67 11.32
C LYS A 65 -34.84 -11.91 11.22
N ASN A 66 -33.88 -12.30 12.07
CA ASN A 66 -32.53 -11.73 12.08
C ASN A 66 -31.50 -12.81 11.70
N PRO A 67 -31.17 -12.90 10.39
CA PRO A 67 -30.26 -13.96 9.93
C PRO A 67 -28.79 -13.66 10.21
N LYS A 68 -28.12 -14.59 10.90
CA LYS A 68 -26.70 -14.47 11.23
C LYS A 68 -25.84 -14.96 10.08
N LEU A 69 -24.85 -14.16 9.67
CA LEU A 69 -23.89 -14.52 8.63
C LEU A 69 -22.88 -15.55 9.16
N ILE A 70 -22.51 -15.43 10.43
CA ILE A 70 -21.62 -16.38 11.09
C ILE A 70 -22.25 -17.79 11.11
N ASN A 71 -23.56 -17.85 11.34
CA ASN A 71 -24.30 -19.11 11.36
C ASN A 71 -24.24 -19.82 10.00
N ALA A 72 -24.59 -19.09 8.95
CA ALA A 72 -24.54 -19.61 7.58
C ALA A 72 -23.11 -19.93 7.13
N LEU A 73 -22.16 -19.07 7.49
CA LEU A 73 -20.74 -19.29 7.18
C LEU A 73 -20.19 -20.52 7.88
N ARG A 74 -20.55 -20.71 9.15
CA ARG A 74 -20.13 -21.88 9.93
C ARG A 74 -20.80 -23.15 9.43
N ARG A 75 -22.13 -23.13 9.34
CA ARG A 75 -22.92 -24.31 8.95
C ARG A 75 -22.42 -25.04 7.70
N CYS A 76 -21.84 -24.30 6.75
CA CYS A 76 -21.22 -24.89 5.57
C CYS A 76 -19.85 -25.55 5.86
N PHE A 77 -19.01 -24.88 6.66
CA PHE A 77 -17.63 -25.34 6.93
C PHE A 77 -17.35 -25.66 8.41
N PHE A 78 -18.32 -26.27 9.09
CA PHE A 78 -18.19 -26.58 10.53
C PHE A 78 -17.54 -27.94 10.79
N TRP A 79 -17.86 -28.92 9.96
CA TRP A 79 -17.53 -30.32 10.25
C TRP A 79 -16.06 -30.65 9.97
N ARG A 80 -15.60 -30.38 8.75
CA ARG A 80 -14.21 -30.61 8.37
C ARG A 80 -13.22 -29.76 9.19
N PHE A 81 -13.67 -28.59 9.63
CA PHE A 81 -12.95 -27.75 10.59
C PHE A 81 -12.69 -28.51 11.90
N MET A 82 -13.71 -29.19 12.41
CA MET A 82 -13.56 -30.06 13.59
C MET A 82 -12.75 -31.33 13.27
N PHE A 83 -12.95 -31.88 12.08
CA PHE A 83 -12.17 -33.05 11.60
C PHE A 83 -10.67 -32.77 11.57
N TYR A 84 -10.28 -31.59 11.07
CA TYR A 84 -8.89 -31.13 11.17
C TYR A 84 -8.53 -30.76 12.61
N GLY A 85 -9.46 -30.11 13.30
CA GLY A 85 -9.29 -29.69 14.69
C GLY A 85 -8.77 -30.74 15.66
N ILE A 86 -9.45 -31.88 15.72
CA ILE A 86 -9.11 -32.94 16.69
C ILE A 86 -7.65 -33.42 16.65
N PHE A 87 -7.05 -33.43 15.46
CA PHE A 87 -5.63 -33.79 15.30
C PHE A 87 -4.68 -32.86 16.06
N LEU A 88 -5.05 -31.58 16.21
CA LEU A 88 -4.28 -30.66 17.04
C LEU A 88 -4.38 -31.05 18.51
N TYR A 89 -5.61 -31.34 18.97
CA TYR A 89 -5.84 -31.76 20.36
C TYR A 89 -5.11 -33.07 20.68
N LEU A 90 -5.04 -33.97 19.70
CA LEU A 90 -4.33 -35.24 19.85
C LEU A 90 -2.81 -35.04 20.01
N GLY A 91 -2.26 -34.01 19.38
CA GLY A 91 -0.84 -33.66 19.51
C GLY A 91 -0.52 -32.84 20.76
N GLU A 92 -1.30 -31.79 20.97
CA GLU A 92 -1.09 -30.84 22.08
C GLU A 92 -1.05 -31.50 23.46
N VAL A 93 -1.89 -32.52 23.67
CA VAL A 93 -1.87 -33.31 24.92
C VAL A 93 -0.58 -34.14 25.04
N THR A 94 -0.13 -34.74 23.94
CA THR A 94 1.06 -35.61 23.97
C THR A 94 2.36 -34.88 24.31
N LYS A 95 2.39 -33.56 24.12
CA LYS A 95 3.45 -32.71 24.68
C LYS A 95 3.47 -32.79 26.22
N ALA A 96 2.28 -32.74 26.82
CA ALA A 96 2.12 -32.84 28.28
C ALA A 96 2.32 -34.27 28.82
N VAL A 97 2.01 -35.28 28.01
CA VAL A 97 2.27 -36.69 28.37
C VAL A 97 3.76 -37.04 28.22
N GLN A 98 4.46 -36.34 27.33
CA GLN A 98 5.89 -36.56 27.05
C GLN A 98 6.82 -36.79 28.27
N PRO A 99 6.82 -35.88 29.28
CA PRO A 99 7.83 -35.95 30.33
C PRO A 99 7.61 -36.98 31.47
N LEU A 100 6.60 -37.83 31.35
CA LEU A 100 6.49 -39.00 32.24
C LEU A 100 7.62 -39.98 31.96
N LEU A 101 7.77 -40.35 30.69
CA LEU A 101 8.81 -41.27 30.25
C LEU A 101 10.24 -40.73 30.44
N LEU A 102 10.37 -39.40 30.57
CA LEU A 102 11.63 -38.80 31.01
C LEU A 102 11.96 -39.27 32.43
N GLY A 103 10.99 -39.16 33.34
CA GLY A 103 11.15 -39.55 34.75
C GLY A 103 11.72 -40.95 34.97
N ARG A 104 11.29 -41.90 34.14
CA ARG A 104 11.77 -43.28 34.21
C ARG A 104 13.24 -43.39 33.79
N ILE A 105 13.63 -42.63 32.77
CA ILE A 105 15.01 -42.61 32.26
C ILE A 105 15.97 -42.02 33.31
N ILE A 106 15.53 -40.99 34.02
CA ILE A 106 16.30 -40.44 35.15
C ILE A 106 16.26 -41.42 36.32
N ALA A 107 15.10 -42.04 36.55
CA ALA A 107 14.94 -43.05 37.62
C ALA A 107 15.73 -44.35 37.40
N SER A 108 16.14 -44.61 36.16
CA SER A 108 16.96 -45.79 35.82
C SER A 108 18.32 -45.76 36.52
N TYR A 109 19.08 -44.67 36.35
CA TYR A 109 20.41 -44.52 36.95
C TYR A 109 20.32 -43.98 38.39
N ASP A 110 19.88 -44.84 39.30
CA ASP A 110 19.88 -44.57 40.74
C ASP A 110 20.19 -45.88 41.48
N PRO A 111 20.96 -45.81 42.58
CA PRO A 111 21.33 -47.03 43.30
C PRO A 111 20.14 -47.63 44.06
N ASP A 112 19.34 -48.42 43.34
CA ASP A 112 18.16 -49.11 43.90
C ASP A 112 18.14 -50.59 43.48
N ASN A 113 18.05 -50.84 42.18
CA ASN A 113 18.00 -52.19 41.62
C ASN A 113 19.01 -52.36 40.49
N LYS A 114 19.13 -53.58 39.99
CA LYS A 114 20.04 -53.91 38.88
C LYS A 114 19.29 -53.96 37.52
N GLU A 115 18.39 -53.00 37.31
CA GLU A 115 17.56 -52.98 36.09
C GLU A 115 18.38 -52.55 34.88
N GLU A 116 18.22 -53.27 33.78
CA GLU A 116 19.11 -53.17 32.63
C GLU A 116 18.72 -52.02 31.70
N ARG A 117 19.61 -51.70 30.76
CA ARG A 117 19.35 -50.72 29.69
C ARG A 117 18.01 -50.93 28.98
N SER A 118 17.60 -52.19 28.85
CA SER A 118 16.27 -52.58 28.37
C SER A 118 15.14 -51.70 28.91
N ILE A 119 15.11 -51.53 30.24
CA ILE A 119 14.03 -50.76 30.89
C ILE A 119 14.02 -49.28 30.45
N ALA A 120 15.19 -48.75 30.11
CA ALA A 120 15.29 -47.41 29.55
C ALA A 120 14.88 -47.42 28.09
N ILE A 121 15.60 -48.20 27.28
CA ILE A 121 15.49 -48.14 25.81
C ILE A 121 14.10 -48.53 25.29
N TYR A 122 13.43 -49.48 25.95
CA TYR A 122 12.06 -49.85 25.56
C TYR A 122 11.05 -48.71 25.74
N LEU A 123 11.33 -47.80 26.68
CA LEU A 123 10.54 -46.56 26.81
C LEU A 123 11.06 -45.49 25.86
N GLY A 124 12.38 -45.29 25.87
CA GLY A 124 13.07 -44.29 25.04
C GLY A 124 12.71 -44.33 23.56
N ILE A 125 12.60 -45.53 23.01
CA ILE A 125 12.13 -45.71 21.62
C ILE A 125 10.69 -45.20 21.44
N GLY A 126 9.83 -45.45 22.43
CA GLY A 126 8.46 -44.95 22.43
C GLY A 126 8.40 -43.45 22.54
N LEU A 127 9.20 -42.89 23.45
CA LEU A 127 9.35 -41.45 23.60
C LEU A 127 9.89 -40.79 22.32
N CYS A 128 10.83 -41.46 21.66
CA CYS A 128 11.33 -41.03 20.34
C CYS A 128 10.25 -41.11 19.26
N LEU A 129 9.43 -42.17 19.30
CA LEU A 129 8.30 -42.32 18.38
C LEU A 129 7.23 -41.23 18.60
N LEU A 130 6.99 -40.88 19.86
CA LEU A 130 6.05 -39.80 20.24
C LEU A 130 6.27 -38.46 19.49
N PHE A 131 7.52 -38.15 19.16
CA PHE A 131 7.84 -36.97 18.34
C PHE A 131 7.46 -37.19 16.89
N ILE A 132 7.81 -38.36 16.36
CA ILE A 132 7.54 -38.70 14.96
C ILE A 132 6.04 -38.73 14.69
N VAL A 133 5.27 -39.35 15.60
CA VAL A 133 3.81 -39.38 15.46
C VAL A 133 3.18 -37.99 15.60
N ARG A 134 3.69 -37.16 16.52
CA ARG A 134 3.20 -35.79 16.67
C ARG A 134 3.54 -34.89 15.47
N THR A 135 4.74 -35.08 14.91
CA THR A 135 5.15 -34.41 13.67
C THR A 135 4.16 -34.74 12.54
N LEU A 136 3.83 -36.02 12.39
CA LEU A 136 2.84 -36.46 11.39
C LEU A 136 1.40 -36.06 11.73
N LEU A 137 1.08 -35.91 13.02
CA LEU A 137 -0.25 -35.43 13.45
C LEU A 137 -0.49 -33.94 13.15
N LEU A 138 0.42 -33.07 13.58
CA LEU A 138 0.20 -31.62 13.56
C LEU A 138 0.22 -30.98 12.16
N HIS A 139 1.29 -31.23 11.42
CA HIS A 139 1.59 -30.50 10.17
C HIS A 139 0.54 -30.62 9.06
N PRO A 140 -0.17 -31.75 8.96
CA PRO A 140 -1.37 -31.79 8.14
C PRO A 140 -2.53 -30.99 8.75
N ALA A 141 -2.73 -31.13 10.06
CA ALA A 141 -3.85 -30.48 10.76
C ALA A 141 -3.81 -28.95 10.68
N ILE A 142 -2.60 -28.37 10.74
CA ILE A 142 -2.44 -26.93 10.58
C ILE A 142 -2.66 -26.47 9.13
N PHE A 143 -2.25 -27.30 8.16
CA PHE A 143 -2.43 -27.01 6.73
C PHE A 143 -3.90 -27.00 6.30
N GLY A 144 -4.66 -27.96 6.84
CA GLY A 144 -6.11 -27.99 6.62
C GLY A 144 -6.84 -26.74 7.07
N LEU A 145 -6.42 -26.17 8.20
CA LEU A 145 -7.02 -24.94 8.72
C LEU A 145 -6.70 -23.74 7.82
N HIS A 146 -5.47 -23.67 7.32
CA HIS A 146 -5.10 -22.70 6.28
C HIS A 146 -5.89 -22.92 5.00
N HIS A 147 -6.07 -24.19 4.62
CA HIS A 147 -6.84 -24.57 3.44
C HIS A 147 -8.33 -24.19 3.55
N ILE A 148 -8.88 -24.28 4.76
CA ILE A 148 -10.25 -23.79 5.03
C ILE A 148 -10.26 -22.25 4.99
N GLY A 149 -9.20 -21.61 5.50
CA GLY A 149 -9.04 -20.16 5.38
C GLY A 149 -9.24 -19.60 3.97
N MET A 150 -8.77 -20.34 2.97
CA MET A 150 -8.99 -19.99 1.55
C MET A 150 -10.47 -20.09 1.19
N GLN A 151 -11.13 -21.14 1.65
CA GLN A 151 -12.58 -21.34 1.43
C GLN A 151 -13.38 -20.23 2.10
N MET A 152 -12.91 -19.80 3.27
CA MET A 152 -13.53 -18.69 4.01
C MET A 152 -13.28 -17.36 3.29
N ARG A 153 -12.05 -17.13 2.85
CA ARG A 153 -11.66 -15.84 2.29
C ARG A 153 -12.11 -15.61 0.84
N ILE A 154 -11.88 -16.60 -0.02
CA ILE A 154 -12.13 -16.46 -1.47
C ILE A 154 -13.62 -16.26 -1.78
N ALA A 155 -14.46 -16.99 -1.06
CA ALA A 155 -15.92 -16.89 -1.23
C ALA A 155 -16.45 -15.51 -0.88
N MET A 156 -15.92 -14.89 0.18
CA MET A 156 -16.39 -13.58 0.66
C MET A 156 -16.11 -12.44 -0.31
N PHE A 157 -14.90 -12.39 -0.86
CA PHE A 157 -14.55 -11.37 -1.88
C PHE A 157 -15.37 -11.56 -3.16
N SER A 158 -15.68 -12.81 -3.50
CA SER A 158 -16.54 -13.11 -4.65
C SER A 158 -18.02 -12.79 -4.38
N LEU A 159 -18.46 -12.97 -3.13
CA LEU A 159 -19.85 -12.70 -2.74
C LEU A 159 -20.14 -11.20 -2.67
N ILE A 160 -19.29 -10.44 -1.99
CA ILE A 160 -19.46 -8.97 -1.91
C ILE A 160 -19.37 -8.28 -3.28
N TYR A 161 -18.62 -8.88 -4.20
CA TYR A 161 -18.58 -8.43 -5.61
C TYR A 161 -19.95 -8.46 -6.31
N LYS A 162 -20.85 -9.34 -5.86
CA LYS A 162 -22.24 -9.33 -6.33
C LYS A 162 -22.95 -8.10 -5.78
N LYS A 163 -22.76 -7.83 -4.49
CA LYS A 163 -23.42 -6.72 -3.82
C LYS A 163 -22.93 -5.38 -4.36
N THR A 164 -21.62 -5.19 -4.47
CA THR A 164 -21.03 -3.92 -4.95
C THR A 164 -21.56 -3.47 -6.32
N LEU A 165 -21.91 -4.43 -7.18
CA LEU A 165 -22.56 -4.13 -8.46
C LEU A 165 -24.04 -3.74 -8.27
N LYS A 166 -24.73 -4.39 -7.33
CA LYS A 166 -26.14 -4.13 -7.03
C LYS A 166 -26.35 -3.25 -5.80
N LEU A 167 -25.72 -2.07 -5.79
CA LEU A 167 -26.00 -1.00 -4.81
C LEU A 167 -27.06 -0.03 -5.34
N SER A 168 -27.62 0.75 -4.43
CA SER A 168 -28.39 1.94 -4.79
C SER A 168 -27.46 3.14 -4.93
N SER A 169 -27.86 4.11 -5.74
CA SER A 169 -27.09 5.35 -5.92
C SER A 169 -27.07 6.21 -4.65
N ARG A 170 -28.14 6.12 -3.86
CA ARG A 170 -28.23 6.77 -2.54
C ARG A 170 -27.06 6.40 -1.62
N VAL A 171 -26.57 5.17 -1.74
CA VAL A 171 -25.35 4.72 -1.05
C VAL A 171 -24.11 5.31 -1.73
N LEU A 172 -24.07 5.28 -3.06
CA LEU A 172 -22.96 5.85 -3.85
C LEU A 172 -22.75 7.35 -3.60
N ASP A 173 -23.81 8.06 -3.22
CA ASP A 173 -23.72 9.46 -2.79
C ASP A 173 -22.75 9.63 -1.61
N LYS A 174 -22.79 8.70 -0.65
CA LYS A 174 -21.82 8.67 0.45
C LYS A 174 -20.48 8.14 -0.07
N ILE A 175 -19.44 8.96 0.04
CA ILE A 175 -18.10 8.60 -0.45
C ILE A 175 -17.48 7.58 0.51
N SER A 176 -17.76 6.30 0.23
CA SER A 176 -17.16 5.17 0.95
C SER A 176 -16.25 4.34 0.03
N ILE A 177 -15.62 5.01 -0.94
CA ILE A 177 -14.80 4.35 -1.97
C ILE A 177 -13.46 3.91 -1.37
N GLY A 178 -12.82 4.80 -0.62
CA GLY A 178 -11.65 4.47 0.19
C GLY A 178 -11.96 3.46 1.28
N GLN A 179 -13.11 3.66 1.92
CA GLN A 179 -13.60 2.77 2.99
C GLN A 179 -13.84 1.33 2.50
N LEU A 180 -14.25 1.16 1.24
CA LEU A 180 -14.42 -0.17 0.65
C LEU A 180 -13.05 -0.81 0.35
N VAL A 181 -12.22 -0.11 -0.42
CA VAL A 181 -10.87 -0.62 -0.76
C VAL A 181 -9.98 -0.82 0.48
N SER A 182 -10.23 -0.03 1.53
CA SER A 182 -9.65 -0.31 2.85
C SER A 182 -10.26 -1.60 3.44
N LEU A 183 -11.59 -1.72 3.37
CA LEU A 183 -12.32 -2.90 3.89
C LEU A 183 -11.88 -4.21 3.24
N LEU A 184 -11.55 -4.17 1.95
CA LEU A 184 -11.05 -5.37 1.24
C LEU A 184 -9.60 -5.67 1.65
N SER A 185 -8.72 -4.68 1.49
CA SER A 185 -7.27 -4.85 1.68
C SER A 185 -6.87 -5.41 3.05
N ASN A 186 -7.50 -4.92 4.12
CA ASN A 186 -7.21 -5.39 5.47
C ASN A 186 -7.62 -6.84 5.76
N ASN A 187 -8.71 -7.30 5.15
CA ASN A 187 -9.36 -8.57 5.49
C ASN A 187 -8.51 -9.82 5.24
N LEU A 188 -7.84 -9.87 4.08
CA LEU A 188 -7.16 -11.08 3.60
C LEU A 188 -6.08 -11.65 4.53
N ASN A 189 -5.20 -10.79 5.03
CA ASN A 189 -4.06 -11.22 5.84
C ASN A 189 -4.48 -11.68 7.25
N LYS A 190 -5.36 -10.91 7.88
CA LYS A 190 -5.86 -11.24 9.24
C LYS A 190 -6.74 -12.50 9.29
N PHE A 191 -7.53 -12.73 8.24
CA PHE A 191 -8.60 -13.72 8.26
C PHE A 191 -8.19 -15.12 7.79
N ASP A 192 -7.26 -15.22 6.84
CA ASP A 192 -6.91 -16.50 6.20
C ASP A 192 -5.98 -17.36 7.07
N GLU A 193 -4.86 -16.79 7.48
CA GLU A 193 -3.83 -17.50 8.24
C GLU A 193 -4.27 -17.80 9.66
N GLY A 194 -4.91 -16.81 10.29
CA GLY A 194 -5.30 -16.88 11.70
C GLY A 194 -6.40 -17.84 12.10
N LEU A 195 -7.04 -18.51 11.12
CA LEU A 195 -8.04 -19.55 11.41
C LEU A 195 -7.43 -20.76 12.13
N ALA A 196 -6.13 -20.99 11.94
CA ALA A 196 -5.38 -22.00 12.69
C ALA A 196 -5.27 -21.67 14.19
N LEU A 197 -4.95 -20.41 14.50
CA LEU A 197 -4.79 -19.96 15.89
C LEU A 197 -6.11 -19.83 16.67
N ALA A 198 -7.23 -19.69 15.94
CA ALA A 198 -8.56 -19.56 16.54
C ALA A 198 -9.06 -20.83 17.23
N HIS A 199 -8.53 -21.98 16.83
CA HIS A 199 -8.95 -23.28 17.37
C HIS A 199 -8.49 -23.57 18.81
N PHE A 200 -7.51 -22.83 19.32
CA PHE A 200 -6.94 -23.07 20.66
C PHE A 200 -7.76 -22.55 21.86
N VAL A 201 -8.95 -21.99 21.61
CA VAL A 201 -9.82 -21.47 22.68
C VAL A 201 -10.24 -22.57 23.67
N TRP A 202 -10.53 -23.76 23.15
CA TRP A 202 -10.91 -24.92 23.97
C TRP A 202 -9.76 -25.91 24.22
N ILE A 203 -8.65 -25.77 23.50
CA ILE A 203 -7.48 -26.64 23.67
C ILE A 203 -6.73 -26.29 24.96
N ALA A 204 -6.44 -25.00 25.15
CA ALA A 204 -5.66 -24.54 26.30
C ALA A 204 -6.31 -24.81 27.67
N PRO A 205 -7.64 -24.59 27.81
CA PRO A 205 -8.35 -25.01 29.03
C PRO A 205 -8.19 -26.48 29.39
N LEU A 206 -8.29 -27.37 28.40
CA LEU A 206 -8.06 -28.80 28.62
C LEU A 206 -6.58 -29.12 28.85
N GLN A 207 -5.70 -28.34 28.20
CA GLN A 207 -4.25 -28.48 28.41
C GLN A 207 -3.88 -28.16 29.85
N VAL A 208 -4.30 -26.99 30.34
CA VAL A 208 -4.06 -26.59 31.73
C VAL A 208 -4.77 -27.51 32.73
N ALA A 209 -5.97 -27.99 32.38
CA ALA A 209 -6.72 -28.95 33.20
C ALA A 209 -6.00 -30.29 33.34
N LEU A 210 -5.34 -30.72 32.27
CA LEU A 210 -4.49 -31.92 32.29
C LEU A 210 -3.22 -31.62 33.09
N LEU A 211 -2.59 -30.49 32.79
CA LEU A 211 -1.36 -30.06 33.50
C LEU A 211 -1.54 -29.81 35.00
N MET A 212 -2.77 -29.53 35.44
CA MET A 212 -3.09 -29.49 36.88
C MET A 212 -2.85 -30.86 37.53
N GLY A 213 -3.35 -31.90 36.88
CA GLY A 213 -3.21 -33.28 37.38
C GLY A 213 -1.79 -33.80 37.36
N LEU A 214 -1.04 -33.42 36.33
CA LEU A 214 0.36 -33.83 36.19
C LEU A 214 1.23 -33.25 37.32
N ILE A 215 0.94 -32.03 37.75
CA ILE A 215 1.58 -31.44 38.92
C ILE A 215 0.98 -32.10 40.15
N TRP A 216 1.76 -32.97 40.80
CA TRP A 216 1.34 -33.62 42.04
C TRP A 216 1.32 -32.60 43.18
N GLU A 217 0.37 -32.79 44.09
CA GLU A 217 -0.01 -31.77 45.08
C GLU A 217 1.12 -31.47 46.04
N LEU A 218 1.61 -32.53 46.70
CA LEU A 218 2.65 -32.44 47.72
C LEU A 218 2.20 -31.63 48.95
N LEU A 219 0.96 -31.90 49.39
CA LEU A 219 0.34 -31.26 50.57
C LEU A 219 0.15 -29.73 50.49
N GLN A 220 0.19 -29.18 49.27
CA GLN A 220 0.10 -27.72 49.03
C GLN A 220 -0.51 -27.41 47.67
N ALA A 221 -0.96 -26.17 47.49
CA ALA A 221 -1.52 -25.71 46.23
C ALA A 221 -0.41 -25.26 45.28
N SER A 222 0.37 -26.23 44.79
CA SER A 222 1.59 -25.97 44.02
C SER A 222 1.31 -25.50 42.60
N ALA A 223 0.36 -26.16 41.93
CA ALA A 223 -0.05 -25.78 40.57
C ALA A 223 -0.81 -24.44 40.57
N PHE A 224 -1.69 -24.27 41.56
CA PHE A 224 -2.52 -23.06 41.66
C PHE A 224 -1.70 -21.81 42.00
N CYS A 225 -0.72 -21.94 42.89
CA CYS A 225 0.19 -20.83 43.21
C CYS A 225 1.15 -20.54 42.04
N GLY A 226 1.60 -21.60 41.37
CA GLY A 226 2.46 -21.47 40.19
C GLY A 226 1.77 -20.82 39.00
N LEU A 227 0.53 -21.23 38.74
CA LEU A 227 -0.31 -20.59 37.72
C LEU A 227 -0.69 -19.17 38.13
N GLY A 228 -1.10 -19.03 39.40
CA GLY A 228 -1.47 -17.75 39.99
C GLY A 228 -0.41 -16.66 39.94
N PHE A 229 0.87 -17.06 39.87
CA PHE A 229 1.96 -16.14 39.53
C PHE A 229 1.86 -15.74 38.06
N LEU A 230 1.79 -16.75 37.19
CA LEU A 230 1.87 -16.54 35.74
C LEU A 230 0.68 -15.80 35.12
N ILE A 231 -0.50 -15.96 35.71
CA ILE A 231 -1.68 -15.16 35.29
C ILE A 231 -1.50 -13.66 35.60
N VAL A 232 -0.82 -13.35 36.71
CA VAL A 232 -0.49 -11.96 37.04
C VAL A 232 0.59 -11.44 36.08
N LEU A 233 1.52 -12.31 35.68
CA LEU A 233 2.49 -11.97 34.62
C LEU A 233 1.80 -11.75 33.26
N ALA A 234 0.78 -12.55 32.96
CA ALA A 234 -0.05 -12.34 31.77
C ALA A 234 -0.84 -11.04 31.84
N LEU A 235 -1.41 -10.76 33.02
CA LEU A 235 -2.08 -9.47 33.29
C LEU A 235 -1.11 -8.28 33.15
N PHE A 236 0.13 -8.48 33.60
CA PHE A 236 1.20 -7.48 33.44
C PHE A 236 1.52 -7.25 31.96
N GLN A 237 1.60 -8.34 31.18
CA GLN A 237 1.77 -8.23 29.73
C GLN A 237 0.60 -7.55 29.04
N ALA A 238 -0.62 -7.86 29.48
CA ALA A 238 -1.83 -7.17 29.01
C ALA A 238 -1.82 -5.68 29.36
N GLY A 239 -1.36 -5.37 30.58
CA GLY A 239 -1.22 -3.99 31.04
C GLY A 239 -0.23 -3.17 30.23
N LEU A 240 0.95 -3.76 29.98
CA LEU A 240 1.94 -3.16 29.06
C LEU A 240 1.41 -3.08 27.62
N GLY A 241 0.66 -4.10 27.21
CA GLY A 241 0.01 -4.11 25.90
C GLY A 241 -1.05 -3.02 25.70
N ARG A 242 -1.70 -2.62 26.79
CA ARG A 242 -2.70 -1.55 26.73
C ARG A 242 -2.05 -0.19 26.45
N MET A 243 -1.06 0.18 27.26
CA MET A 243 -0.36 1.47 27.09
C MET A 243 0.48 1.55 25.80
N MET A 244 0.88 0.39 25.27
CA MET A 244 1.55 0.31 23.95
C MET A 244 0.70 0.92 22.83
N MET A 245 -0.62 0.75 22.90
CA MET A 245 -1.55 1.31 21.91
C MET A 245 -1.67 2.84 22.00
N LYS A 246 -1.57 3.38 23.22
CA LYS A 246 -1.62 4.83 23.45
C LYS A 246 -0.45 5.56 22.77
N TYR A 247 0.74 4.98 22.86
CA TYR A 247 1.93 5.54 22.21
C TYR A 247 1.84 5.49 20.67
N ARG A 248 1.22 4.46 20.13
CA ARG A 248 0.94 4.39 18.68
C ARG A 248 -0.11 5.42 18.29
N ASP A 249 -1.22 5.42 19.04
CA ASP A 249 -2.34 6.34 18.79
C ASP A 249 -1.93 7.82 18.90
N GLN A 250 -1.07 8.14 19.85
CA GLN A 250 -0.54 9.49 20.01
C GLN A 250 0.44 9.86 18.89
N ARG A 251 1.40 8.95 18.63
CA ARG A 251 2.44 9.17 17.61
C ARG A 251 1.89 9.20 16.18
N ALA A 252 0.74 8.55 15.96
CA ALA A 252 0.03 8.61 14.68
C ALA A 252 -0.37 10.03 14.24
N GLY A 253 -0.50 10.96 15.20
CA GLY A 253 -0.72 12.37 14.90
C GLY A 253 0.47 13.07 14.26
N LYS A 254 1.67 12.79 14.77
CA LYS A 254 2.90 13.43 14.28
C LYS A 254 3.32 12.94 12.89
N ILE A 255 3.31 11.63 12.67
CA ILE A 255 3.72 11.04 11.37
C ILE A 255 2.94 11.61 10.17
N SER A 256 1.64 11.88 10.37
CA SER A 256 0.83 12.55 9.37
C SER A 256 1.26 14.00 9.15
N GLU A 257 1.58 14.69 10.25
CA GLU A 257 2.10 16.08 10.19
C GLU A 257 3.49 16.16 9.55
N ARG A 258 4.28 15.10 9.66
CA ARG A 258 5.55 14.99 8.97
C ARG A 258 5.36 14.65 7.50
N LEU A 259 4.51 13.65 7.22
CA LEU A 259 4.24 13.17 5.85
C LEU A 259 3.77 14.29 4.91
N VAL A 260 2.92 15.19 5.41
CA VAL A 260 2.43 16.34 4.61
C VAL A 260 3.53 17.31 4.13
N ILE A 261 4.63 17.42 4.88
CA ILE A 261 5.77 18.26 4.47
C ILE A 261 6.56 17.56 3.37
N THR A 262 6.81 16.26 3.56
CA THR A 262 7.53 15.45 2.57
C THR A 262 6.73 15.27 1.26
N SER A 263 5.40 15.18 1.36
CA SER A 263 4.56 15.14 0.16
C SER A 263 4.66 16.44 -0.66
N GLU A 264 4.62 17.58 0.02
CA GLU A 264 4.80 18.88 -0.62
C GLU A 264 6.24 19.10 -1.11
N MET A 265 7.21 18.51 -0.40
CA MET A 265 8.62 18.53 -0.82
C MET A 265 8.83 17.85 -2.18
N ILE A 266 8.40 16.59 -2.28
CA ILE A 266 8.66 15.76 -3.47
C ILE A 266 7.98 16.31 -4.74
N GLU A 267 6.81 16.92 -4.60
CA GLU A 267 6.10 17.54 -5.73
C GLU A 267 6.83 18.78 -6.28
N ASN A 268 7.31 19.64 -5.38
CA ASN A 268 7.94 20.92 -5.75
C ASN A 268 9.42 20.97 -5.40
N ILE A 269 10.20 20.04 -5.97
CA ILE A 269 11.65 19.98 -5.76
C ILE A 269 12.35 21.11 -6.51
N GLN A 270 11.85 21.41 -7.70
CA GLN A 270 12.41 22.45 -8.57
C GLN A 270 12.38 23.84 -7.92
N SER A 271 11.34 24.12 -7.15
CA SER A 271 11.24 25.37 -6.39
C SER A 271 12.25 25.43 -5.24
N VAL A 272 12.37 24.32 -4.51
CA VAL A 272 13.35 24.20 -3.41
C VAL A 272 14.78 24.32 -3.95
N LYS A 273 15.03 23.73 -5.11
CA LYS A 273 16.30 23.93 -5.83
C LYS A 273 16.47 25.38 -6.30
N ALA A 274 15.42 25.96 -6.88
CA ALA A 274 15.44 27.34 -7.39
C ALA A 274 15.77 28.36 -6.29
N TYR A 275 15.01 28.31 -5.20
CA TYR A 275 15.26 29.17 -4.03
C TYR A 275 16.49 28.73 -3.22
N CYS A 276 16.88 27.46 -3.35
CA CYS A 276 18.04 26.88 -2.66
C CYS A 276 17.80 26.81 -1.15
N TRP A 277 16.91 25.89 -0.77
CA TRP A 277 16.59 25.62 0.64
C TRP A 277 17.04 24.21 1.04
N GLU A 278 18.34 24.07 1.28
CA GLU A 278 18.94 22.79 1.66
C GLU A 278 18.95 22.65 3.17
N GLU A 279 19.52 23.66 3.85
CA GLU A 279 19.63 23.66 5.31
C GLU A 279 18.30 23.99 6.01
N ALA A 280 17.38 24.65 5.31
CA ALA A 280 16.10 25.06 5.89
C ALA A 280 15.17 23.89 6.16
N MET A 281 15.01 23.00 5.16
CA MET A 281 14.05 21.90 5.24
C MET A 281 14.64 20.55 5.71
N GLU A 282 15.88 20.55 6.21
CA GLU A 282 16.47 19.39 6.89
C GLU A 282 16.24 19.47 8.40
N LYS A 283 16.57 20.64 8.97
CA LYS A 283 16.29 20.93 10.37
C LYS A 283 14.80 20.92 10.68
N MET A 284 14.00 21.43 9.74
CA MET A 284 12.54 21.46 9.86
C MET A 284 11.95 20.06 10.03
N ILE A 285 12.39 19.12 9.19
CA ILE A 285 11.97 17.71 9.29
C ILE A 285 12.62 17.05 10.52
N GLU A 286 13.93 17.25 10.69
CA GLU A 286 14.66 16.58 11.79
C GLU A 286 14.21 17.03 13.19
N ASN A 287 13.67 18.25 13.32
CA ASN A 287 13.00 18.67 14.55
C ASN A 287 11.68 17.92 14.77
N LEU A 288 10.93 17.68 13.69
CA LEU A 288 9.75 16.81 13.74
C LEU A 288 10.10 15.36 14.05
N ARG A 289 11.25 14.89 13.57
CA ARG A 289 11.79 13.58 13.97
C ARG A 289 12.19 13.55 15.45
N GLN A 290 12.98 14.53 15.87
CA GLN A 290 13.60 14.57 17.21
C GLN A 290 12.62 14.35 18.36
N THR A 291 11.40 14.87 18.21
CA THR A 291 10.32 14.60 19.17
C THR A 291 9.80 13.17 19.00
N GLU A 292 9.47 12.80 17.76
CA GLU A 292 8.87 11.50 17.44
C GLU A 292 9.71 10.30 17.88
N LEU A 293 11.03 10.39 17.68
CA LEU A 293 11.98 9.37 18.16
C LEU A 293 11.86 9.13 19.67
N LYS A 294 11.77 10.22 20.44
CA LYS A 294 11.69 10.15 21.90
C LYS A 294 10.44 9.42 22.38
N LEU A 295 9.36 9.53 21.61
CA LEU A 295 8.15 8.74 21.84
C LEU A 295 8.36 7.30 21.36
N THR A 296 8.91 7.15 20.15
CA THR A 296 9.18 5.83 19.55
C THR A 296 9.97 4.88 20.47
N ARG A 297 10.89 5.42 21.24
CA ARG A 297 11.68 4.62 22.20
C ARG A 297 10.81 3.99 23.31
N LYS A 298 9.89 4.77 23.87
CA LYS A 298 9.01 4.30 24.94
C LYS A 298 8.05 3.20 24.47
N ALA A 299 7.68 3.23 23.19
CA ALA A 299 6.91 2.14 22.57
C ALA A 299 7.74 0.85 22.47
N ALA A 300 9.04 1.00 22.25
CA ALA A 300 9.96 -0.14 22.19
C ALA A 300 10.32 -0.71 23.58
N TYR A 301 10.60 0.18 24.53
CA TYR A 301 10.99 -0.25 25.89
C TYR A 301 9.94 -1.15 26.55
N VAL A 302 8.67 -0.80 26.42
CA VAL A 302 7.56 -1.65 26.93
C VAL A 302 7.51 -3.00 26.22
N ARG A 303 7.78 -3.01 24.91
CA ARG A 303 7.85 -4.25 24.14
C ARG A 303 9.04 -5.11 24.59
N TYR A 304 10.16 -4.47 24.93
CA TYR A 304 11.32 -5.17 25.49
C TYR A 304 11.00 -5.82 26.84
N PHE A 305 10.29 -5.09 27.71
CA PHE A 305 9.78 -5.67 28.97
C PHE A 305 8.80 -6.81 28.70
N ASN A 306 7.91 -6.61 27.72
CA ASN A 306 6.93 -7.62 27.31
C ASN A 306 7.62 -8.91 26.83
N SER A 307 8.65 -8.77 25.99
CA SER A 307 9.41 -9.91 25.49
C SER A 307 10.26 -10.55 26.59
N SER A 308 11.10 -9.74 27.24
CA SER A 308 12.06 -10.24 28.25
C SER A 308 11.39 -10.97 29.41
N ALA A 309 10.22 -10.50 29.82
CA ALA A 309 9.41 -11.18 30.85
C ALA A 309 9.14 -12.65 30.51
N PHE A 310 8.86 -12.93 29.23
CA PHE A 310 8.60 -14.29 28.75
C PHE A 310 9.83 -15.21 28.90
N PHE A 311 11.01 -14.68 28.60
CA PHE A 311 12.26 -15.42 28.78
C PHE A 311 12.68 -15.54 30.25
N PHE A 312 12.49 -14.47 31.03
CA PHE A 312 12.82 -14.49 32.47
C PHE A 312 11.87 -15.34 33.32
N SER A 313 10.58 -15.39 32.95
CA SER A 313 9.53 -16.07 33.74
C SER A 313 9.88 -17.51 34.16
N GLY A 314 10.45 -18.28 33.23
CA GLY A 314 10.79 -19.70 33.42
C GLY A 314 11.42 -20.11 34.75
N PHE A 315 12.30 -19.26 35.28
CA PHE A 315 12.92 -19.50 36.59
C PHE A 315 11.93 -19.21 37.72
N PHE A 316 11.33 -18.01 37.69
CA PHE A 316 10.42 -17.55 38.74
C PHE A 316 9.20 -18.46 38.88
N VAL A 317 8.59 -18.81 37.74
CA VAL A 317 7.37 -19.63 37.72
C VAL A 317 7.55 -21.02 38.35
N VAL A 318 8.71 -21.63 38.17
CA VAL A 318 9.01 -22.94 38.79
C VAL A 318 9.54 -22.75 40.21
N PHE A 319 10.58 -21.93 40.36
CA PHE A 319 11.23 -21.71 41.67
C PHE A 319 10.24 -21.33 42.78
N LEU A 320 9.26 -20.49 42.44
CA LEU A 320 8.20 -20.09 43.38
C LEU A 320 7.31 -21.27 43.79
N SER A 321 7.10 -22.22 42.87
CA SER A 321 6.25 -23.40 43.14
C SER A 321 7.00 -24.58 43.76
N VAL A 322 8.28 -24.72 43.47
CA VAL A 322 9.09 -25.86 43.98
C VAL A 322 9.39 -25.71 45.47
N LEU A 323 9.86 -24.53 45.88
CA LEU A 323 10.32 -24.30 47.26
C LEU A 323 9.28 -24.60 48.37
N PRO A 324 7.99 -24.34 48.12
CA PRO A 324 6.91 -24.82 49.00
C PRO A 324 6.93 -26.31 49.38
N TYR A 325 7.48 -27.18 48.53
CA TYR A 325 7.67 -28.59 48.86
C TYR A 325 8.65 -28.82 50.02
N ALA A 326 9.64 -27.93 50.13
CA ALA A 326 10.59 -27.95 51.26
C ALA A 326 9.99 -27.53 52.61
N LEU A 327 8.77 -26.99 52.62
CA LEU A 327 8.07 -26.59 53.85
C LEU A 327 7.90 -27.74 54.84
N ILE A 328 7.63 -28.94 54.31
CA ILE A 328 7.65 -30.19 55.10
C ILE A 328 8.89 -30.99 54.69
N LYS A 329 10.02 -30.29 54.56
CA LYS A 329 11.31 -30.85 54.10
C LYS A 329 11.23 -31.82 52.90
N GLY A 330 10.44 -31.45 51.89
CA GLY A 330 10.44 -32.19 50.62
C GLY A 330 11.72 -31.97 49.84
N ILE A 331 12.58 -32.98 49.81
CA ILE A 331 13.89 -32.93 49.13
C ILE A 331 14.03 -34.13 48.19
N ILE A 332 14.23 -33.84 46.90
CA ILE A 332 14.38 -34.89 45.88
C ILE A 332 15.04 -34.32 44.62
N LEU A 333 15.84 -35.15 43.96
CA LEU A 333 16.61 -34.76 42.76
C LEU A 333 15.90 -35.09 41.45
N ARG A 334 15.21 -36.23 41.40
CA ARG A 334 14.54 -36.69 40.18
C ARG A 334 13.29 -35.86 39.82
N LYS A 335 12.46 -35.57 40.81
CA LYS A 335 11.16 -34.93 40.59
C LYS A 335 11.26 -33.44 40.20
N ILE A 336 12.36 -32.78 40.58
CA ILE A 336 12.56 -31.36 40.23
C ILE A 336 12.85 -31.15 38.74
N PHE A 337 13.41 -32.17 38.07
CA PHE A 337 13.67 -32.10 36.62
C PHE A 337 12.37 -32.13 35.82
N THR A 338 11.57 -33.16 36.05
CA THR A 338 10.30 -33.38 35.30
C THR A 338 9.31 -32.21 35.41
N THR A 339 9.28 -31.53 36.56
CA THR A 339 8.45 -30.34 36.75
C THR A 339 8.78 -29.18 35.80
N ILE A 340 10.05 -29.10 35.36
CA ILE A 340 10.46 -28.08 34.38
C ILE A 340 9.77 -28.35 33.04
N SER A 341 9.89 -29.59 32.58
CA SER A 341 9.25 -30.02 31.34
C SER A 341 7.72 -29.98 31.39
N PHE A 342 7.14 -30.11 32.59
CA PHE A 342 5.70 -29.84 32.77
C PHE A 342 5.40 -28.34 32.71
N CYS A 343 6.19 -27.53 33.42
CA CYS A 343 5.88 -26.10 33.60
C CYS A 343 6.05 -25.23 32.33
N ILE A 344 7.13 -25.47 31.57
CA ILE A 344 7.37 -24.73 30.32
C ILE A 344 6.22 -24.93 29.31
N VAL A 345 5.62 -26.12 29.30
CA VAL A 345 4.45 -26.40 28.46
C VAL A 345 3.22 -25.60 28.94
N LEU A 346 3.03 -25.54 30.26
CA LEU A 346 1.98 -24.72 30.87
C LEU A 346 2.17 -23.24 30.54
N ARG A 347 3.42 -22.77 30.61
CA ARG A 347 3.76 -21.39 30.28
C ARG A 347 3.49 -21.06 28.81
N MET A 348 3.85 -21.97 27.92
CA MET A 348 3.60 -21.84 26.48
C MET A 348 2.11 -21.65 26.17
N ALA A 349 1.26 -22.39 26.88
CA ALA A 349 -0.18 -22.36 26.66
C ALA A 349 -0.82 -21.07 27.17
N VAL A 350 -0.60 -20.78 28.46
CA VAL A 350 -1.29 -19.66 29.14
C VAL A 350 -0.75 -18.27 28.76
N THR A 351 0.57 -18.14 28.64
CA THR A 351 1.22 -16.83 28.45
C THR A 351 1.14 -16.32 27.02
N ARG A 352 1.49 -17.18 26.05
CA ARG A 352 1.67 -16.79 24.64
C ARG A 352 0.57 -17.31 23.70
N GLN A 353 0.22 -18.58 23.82
CA GLN A 353 -0.67 -19.25 22.87
C GLN A 353 -2.15 -18.87 23.02
N PHE A 354 -2.65 -18.82 24.25
CA PHE A 354 -4.08 -18.56 24.51
C PHE A 354 -4.54 -17.13 24.19
N PRO A 355 -3.75 -16.10 24.58
CA PRO A 355 -4.08 -14.72 24.15
C PRO A 355 -4.25 -14.49 22.63
N TRP A 356 -3.50 -15.23 21.81
CA TRP A 356 -3.68 -15.19 20.35
C TRP A 356 -5.05 -15.74 19.94
N ALA A 357 -5.52 -16.78 20.63
CA ALA A 357 -6.85 -17.34 20.37
C ALA A 357 -7.97 -16.35 20.74
N VAL A 358 -7.76 -15.59 21.81
CA VAL A 358 -8.69 -14.52 22.20
C VAL A 358 -8.60 -13.35 21.22
N GLN A 359 -7.37 -13.03 20.79
CA GLN A 359 -7.11 -11.95 19.83
C GLN A 359 -7.76 -12.21 18.47
N THR A 360 -7.45 -13.38 17.89
CA THR A 360 -7.91 -13.73 16.54
C THR A 360 -9.44 -13.88 16.42
N TRP A 361 -10.10 -14.39 17.46
CA TRP A 361 -11.56 -14.47 17.49
C TRP A 361 -12.21 -13.08 17.47
N TYR A 362 -11.77 -12.23 18.40
CA TYR A 362 -12.23 -10.84 18.50
C TYR A 362 -11.92 -10.05 17.22
N ASP A 363 -10.73 -10.27 16.67
CA ASP A 363 -10.31 -9.60 15.43
C ASP A 363 -11.08 -10.09 14.19
N SER A 364 -11.31 -11.40 14.10
CA SER A 364 -12.03 -12.01 12.98
C SER A 364 -13.53 -11.73 13.03
N LEU A 365 -14.15 -12.01 14.17
CA LEU A 365 -15.61 -11.89 14.33
C LEU A 365 -16.12 -10.48 14.02
N GLY A 366 -15.37 -9.47 14.46
CA GLY A 366 -15.63 -8.07 14.12
C GLY A 366 -15.54 -7.77 12.63
N ALA A 367 -14.58 -8.40 11.95
CA ALA A 367 -14.45 -8.29 10.49
C ALA A 367 -15.58 -9.02 9.77
N ILE A 368 -16.02 -10.16 10.32
CA ILE A 368 -17.18 -10.89 9.79
C ILE A 368 -18.47 -10.09 10.01
N ASN A 369 -18.54 -9.36 11.12
CA ASN A 369 -19.66 -8.46 11.39
C ASN A 369 -19.63 -7.20 10.48
N LYS A 370 -18.43 -6.65 10.28
CA LYS A 370 -18.23 -5.43 9.48
C LYS A 370 -18.78 -5.56 8.06
N ILE A 371 -18.37 -6.63 7.37
CA ILE A 371 -18.88 -6.93 6.03
C ILE A 371 -20.37 -7.32 6.03
N GLN A 372 -20.84 -7.96 7.10
CA GLN A 372 -22.26 -8.33 7.25
C GLN A 372 -23.17 -7.10 7.33
N ASP A 373 -22.68 -6.05 7.99
CA ASP A 373 -23.37 -4.75 8.02
C ASP A 373 -23.45 -4.13 6.61
N PHE A 374 -22.34 -4.23 5.86
CA PHE A 374 -22.27 -3.73 4.48
C PHE A 374 -23.12 -4.55 3.50
N LEU A 375 -23.26 -5.85 3.76
CA LEU A 375 -23.99 -6.77 2.89
C LEU A 375 -25.49 -6.45 2.86
N GLN A 376 -26.07 -6.18 4.02
CA GLN A 376 -27.49 -5.81 4.11
C GLN A 376 -27.65 -4.30 3.87
N LYS A 377 -27.77 -3.94 2.58
CA LYS A 377 -28.00 -2.56 2.14
C LYS A 377 -29.08 -2.50 1.05
N GLN A 378 -29.52 -1.28 0.73
CA GLN A 378 -30.52 -1.06 -0.31
C GLN A 378 -29.93 -1.30 -1.70
N GLU A 379 -30.58 -2.17 -2.48
CA GLU A 379 -30.07 -2.58 -3.80
C GLU A 379 -30.90 -1.99 -4.94
N TYR A 380 -30.25 -1.84 -6.09
CA TYR A 380 -30.89 -1.33 -7.30
C TYR A 380 -31.72 -2.45 -7.96
N LYS A 381 -33.04 -2.30 -7.91
CA LYS A 381 -33.95 -3.22 -8.60
C LYS A 381 -34.11 -2.77 -10.04
N THR A 382 -33.57 -3.55 -10.97
CA THR A 382 -33.69 -3.27 -12.41
C THR A 382 -35.15 -3.39 -12.87
N LEU A 383 -35.72 -2.28 -13.33
CA LEU A 383 -37.13 -2.22 -13.70
C LEU A 383 -37.39 -2.88 -15.05
N GLU A 384 -38.66 -3.19 -15.29
CA GLU A 384 -39.09 -3.87 -16.52
C GLU A 384 -39.42 -2.87 -17.63
N TYR A 385 -39.32 -3.34 -18.87
CA TYR A 385 -39.57 -2.53 -20.07
C TYR A 385 -40.26 -3.37 -21.15
N ASN A 386 -41.20 -4.22 -20.73
CA ASN A 386 -41.87 -5.17 -21.61
C ASN A 386 -43.32 -4.80 -21.92
N LEU A 387 -43.69 -3.55 -21.64
CA LEU A 387 -45.06 -3.07 -21.85
C LEU A 387 -45.32 -2.76 -23.32
N THR A 388 -46.60 -2.66 -23.66
CA THR A 388 -47.05 -2.42 -25.03
C THR A 388 -46.80 -0.97 -25.46
N THR A 389 -47.05 -0.71 -26.74
CA THR A 389 -46.99 0.63 -27.36
C THR A 389 -45.57 1.14 -27.66
N THR A 390 -44.63 0.91 -26.74
CA THR A 390 -43.22 1.33 -26.90
C THR A 390 -43.05 2.84 -27.06
N GLU A 391 -43.74 3.59 -26.19
CA GLU A 391 -43.70 5.05 -26.15
C GLU A 391 -43.32 5.46 -24.73
N VAL A 392 -42.39 6.41 -24.62
CA VAL A 392 -41.88 6.85 -23.32
C VAL A 392 -42.89 7.82 -22.66
N VAL A 393 -43.76 7.27 -21.82
CA VAL A 393 -44.81 8.05 -21.13
C VAL A 393 -44.34 8.47 -19.73
N MET A 394 -44.53 9.75 -19.40
CA MET A 394 -44.28 10.30 -18.07
C MET A 394 -45.42 11.21 -17.63
N GLU A 395 -45.69 11.25 -16.32
CA GLU A 395 -46.71 12.15 -15.76
C GLU A 395 -46.32 12.62 -14.36
N ASN A 396 -45.96 13.91 -14.26
CA ASN A 396 -45.66 14.58 -12.99
C ASN A 396 -44.48 13.97 -12.22
N VAL A 397 -43.42 13.64 -12.97
CA VAL A 397 -42.23 12.97 -12.40
C VAL A 397 -41.39 14.01 -11.65
N THR A 398 -41.19 13.79 -10.35
CA THR A 398 -40.41 14.73 -9.51
C THR A 398 -39.68 13.97 -8.38
N ALA A 399 -38.52 14.48 -7.95
CA ALA A 399 -37.66 13.79 -6.95
C ALA A 399 -36.78 14.72 -6.11
N PHE A 400 -35.99 14.12 -5.21
CA PHE A 400 -34.92 14.80 -4.45
C PHE A 400 -33.61 14.05 -4.67
N TRP A 401 -32.50 14.79 -4.64
CA TRP A 401 -31.16 14.23 -4.87
C TRP A 401 -30.66 13.47 -3.65
N GLU A 402 -30.77 14.09 -2.47
CA GLU A 402 -30.35 13.50 -1.19
C GLU A 402 -31.42 13.71 -0.14
N PRO A 439 -38.52 19.27 -4.69
CA PRO A 439 -38.61 18.95 -6.11
C PRO A 439 -37.36 19.37 -6.90
N VAL A 440 -36.53 18.39 -7.26
CA VAL A 440 -35.29 18.63 -8.03
C VAL A 440 -35.56 18.85 -9.52
N LEU A 441 -36.56 18.14 -10.07
CA LEU A 441 -36.98 18.29 -11.46
C LEU A 441 -38.50 18.16 -11.57
N LYS A 442 -39.19 19.30 -11.43
CA LYS A 442 -40.66 19.35 -11.44
C LYS A 442 -41.19 19.67 -12.84
N ASP A 443 -42.42 19.23 -13.10
CA ASP A 443 -43.13 19.46 -14.36
C ASP A 443 -42.39 18.82 -15.54
N ILE A 444 -42.33 17.48 -15.51
CA ILE A 444 -41.64 16.67 -16.50
C ILE A 444 -42.67 15.81 -17.25
N ASN A 445 -42.83 16.08 -18.55
CA ASN A 445 -43.78 15.34 -19.39
C ASN A 445 -43.42 15.42 -20.88
N PHE A 446 -43.27 14.25 -21.50
CA PHE A 446 -43.02 14.12 -22.95
C PHE A 446 -43.42 12.72 -23.41
N LYS A 447 -43.91 12.62 -24.63
CA LYS A 447 -44.42 11.35 -25.19
C LYS A 447 -43.86 11.12 -26.59
N ILE A 448 -42.82 10.29 -26.67
CA ILE A 448 -42.05 10.09 -27.91
C ILE A 448 -42.53 8.84 -28.66
N GLU A 449 -43.00 9.03 -29.90
CA GLU A 449 -43.35 7.92 -30.79
C GLU A 449 -42.09 7.31 -31.40
N ARG A 450 -42.12 6.01 -31.68
CA ARG A 450 -40.96 5.28 -32.19
C ARG A 450 -40.54 5.82 -33.57
N GLY A 451 -39.43 6.53 -33.58
CA GLY A 451 -38.99 7.29 -34.75
C GLY A 451 -38.44 8.65 -34.37
N GLN A 452 -39.18 9.38 -33.53
CA GLN A 452 -38.87 10.79 -33.23
C GLN A 452 -37.71 10.97 -32.25
N LEU A 453 -37.09 12.14 -32.34
CA LEU A 453 -35.93 12.52 -31.54
C LEU A 453 -36.36 13.55 -30.50
N LEU A 454 -35.84 13.41 -29.28
CA LEU A 454 -36.05 14.39 -28.21
C LEU A 454 -34.78 15.21 -28.01
N ALA A 455 -34.92 16.54 -28.07
CA ALA A 455 -33.81 17.47 -27.85
C ALA A 455 -33.91 18.05 -26.44
N VAL A 456 -32.86 17.82 -25.63
CA VAL A 456 -32.82 18.31 -24.24
C VAL A 456 -31.70 19.35 -24.09
N ALA A 457 -32.03 20.45 -23.42
CA ALA A 457 -31.11 21.57 -23.21
C ALA A 457 -31.46 22.37 -21.95
N GLY A 458 -30.49 23.16 -21.48
CA GLY A 458 -30.66 24.00 -20.29
C GLY A 458 -29.35 24.38 -19.63
N SER A 459 -29.43 24.81 -18.38
CA SER A 459 -28.24 25.18 -17.59
C SER A 459 -27.52 23.92 -17.10
N THR A 460 -26.18 23.94 -17.17
CA THR A 460 -25.36 22.80 -16.74
C THR A 460 -25.42 22.64 -15.21
N GLY A 461 -25.50 21.39 -14.75
CA GLY A 461 -25.63 21.08 -13.33
C GLY A 461 -27.00 21.45 -12.77
N ALA A 462 -28.05 21.17 -13.54
CA ALA A 462 -29.44 21.46 -13.15
C ALA A 462 -30.33 20.23 -13.38
N GLY A 463 -29.80 19.06 -13.03
CA GLY A 463 -30.50 17.79 -13.20
C GLY A 463 -30.59 17.23 -14.61
N LYS A 464 -29.81 17.78 -15.54
CA LYS A 464 -29.83 17.31 -16.94
C LYS A 464 -29.38 15.86 -17.09
N THR A 465 -28.42 15.44 -16.25
CA THR A 465 -28.08 14.03 -16.09
C THR A 465 -29.16 13.31 -15.26
N SER A 466 -29.55 13.94 -14.14
CA SER A 466 -30.53 13.38 -13.20
C SER A 466 -31.87 12.98 -13.82
N LEU A 467 -32.28 13.65 -14.90
CA LEU A 467 -33.44 13.23 -15.68
C LEU A 467 -33.19 11.87 -16.34
N LEU A 468 -32.04 11.74 -16.99
CA LEU A 468 -31.65 10.47 -17.63
C LEU A 468 -31.42 9.33 -16.62
N MET A 469 -31.05 9.68 -15.38
CA MET A 469 -30.98 8.71 -14.29
C MET A 469 -32.39 8.19 -13.93
N VAL A 470 -33.39 9.07 -13.99
CA VAL A 470 -34.79 8.70 -13.79
C VAL A 470 -35.33 7.92 -15.00
N ILE A 471 -34.93 8.31 -16.21
CA ILE A 471 -35.33 7.60 -17.44
C ILE A 471 -34.71 6.19 -17.50
N MET A 472 -33.44 6.07 -17.10
CA MET A 472 -32.82 4.74 -16.91
C MET A 472 -33.50 4.00 -15.76
N GLY A 473 -33.78 4.72 -14.68
CA GLY A 473 -34.46 4.19 -13.51
C GLY A 473 -33.57 3.93 -12.29
N GLU A 474 -32.41 4.58 -12.24
CA GLU A 474 -31.48 4.41 -11.11
C GLU A 474 -31.96 5.24 -9.93
N LEU A 475 -32.11 6.54 -10.16
CA LEU A 475 -32.67 7.46 -9.17
C LEU A 475 -34.19 7.43 -9.28
N GLU A 476 -34.86 6.92 -8.25
CA GLU A 476 -36.32 6.79 -8.27
C GLU A 476 -37.02 8.13 -8.02
N PRO A 477 -38.20 8.34 -8.62
CA PRO A 477 -38.95 9.57 -8.40
C PRO A 477 -39.67 9.54 -7.05
N SER A 478 -39.74 10.70 -6.40
CA SER A 478 -40.49 10.85 -5.14
C SER A 478 -41.98 10.77 -5.42
N GLU A 479 -42.40 11.34 -6.54
CA GLU A 479 -43.77 11.17 -7.04
C GLU A 479 -43.86 11.38 -8.55
N GLY A 480 -44.95 10.85 -9.12
CA GLY A 480 -45.20 10.85 -10.56
C GLY A 480 -45.56 9.47 -11.05
N LYS A 481 -45.63 9.32 -12.37
CA LYS A 481 -45.86 8.03 -13.03
C LYS A 481 -44.95 7.89 -14.24
N ILE A 482 -44.08 6.86 -14.22
CA ILE A 482 -43.17 6.55 -15.34
C ILE A 482 -43.66 5.28 -16.03
N LYS A 483 -43.78 5.35 -17.36
CA LYS A 483 -44.11 4.19 -18.19
C LYS A 483 -43.34 4.25 -19.51
N HIS A 484 -42.14 3.67 -19.51
CA HIS A 484 -41.33 3.52 -20.73
C HIS A 484 -40.92 2.06 -20.91
N SER A 485 -41.05 1.58 -22.14
CA SER A 485 -40.74 0.18 -22.49
C SER A 485 -39.80 0.12 -23.69
N GLY A 486 -39.28 -1.07 -23.97
CA GLY A 486 -38.26 -1.29 -25.00
C GLY A 486 -36.87 -1.32 -24.40
N ARG A 487 -35.94 -1.98 -25.08
CA ARG A 487 -34.57 -2.14 -24.59
C ARG A 487 -33.83 -0.80 -24.57
N ILE A 488 -33.04 -0.60 -23.51
CA ILE A 488 -32.40 0.68 -23.22
C ILE A 488 -30.89 0.59 -23.48
N SER A 489 -30.33 1.65 -24.07
CA SER A 489 -28.88 1.79 -24.26
C SER A 489 -28.45 3.21 -23.89
N PHE A 490 -27.28 3.34 -23.26
CA PHE A 490 -26.81 4.59 -22.65
C PHE A 490 -25.44 5.01 -23.16
N CYS A 491 -25.24 6.32 -23.30
CA CYS A 491 -23.94 6.91 -23.64
C CYS A 491 -23.61 8.02 -22.64
N SER A 492 -22.51 7.85 -21.90
CA SER A 492 -22.17 8.70 -20.76
C SER A 492 -21.37 9.94 -21.15
N GLN A 493 -21.41 10.93 -20.26
CA GLN A 493 -20.58 12.14 -20.39
C GLN A 493 -19.12 11.81 -20.08
N PHE A 494 -18.90 11.16 -18.94
CA PHE A 494 -17.57 10.64 -18.58
C PHE A 494 -17.14 9.55 -19.56
N SER A 495 -15.87 9.59 -19.97
CA SER A 495 -15.31 8.61 -20.90
C SER A 495 -15.02 7.28 -20.18
N TRP A 496 -15.75 6.23 -20.55
CA TRP A 496 -15.59 4.89 -19.96
C TRP A 496 -14.89 3.94 -20.95
N ILE A 497 -13.66 3.55 -20.61
CA ILE A 497 -12.87 2.59 -21.39
C ILE A 497 -12.29 1.56 -20.42
N MET A 498 -12.69 0.30 -20.55
CA MET A 498 -12.25 -0.76 -19.64
C MET A 498 -10.83 -1.25 -19.99
N PRO A 499 -10.22 -2.08 -19.09
CA PRO A 499 -8.93 -2.69 -19.45
C PRO A 499 -9.05 -3.69 -20.60
N GLY A 500 -8.14 -3.56 -21.58
CA GLY A 500 -8.12 -4.44 -22.75
C GLY A 500 -8.05 -3.68 -24.06
N THR A 501 -8.38 -4.38 -25.15
CA THR A 501 -8.35 -3.80 -26.49
C THR A 501 -9.60 -2.97 -26.75
N ILE A 502 -9.49 -2.06 -27.72
CA ILE A 502 -10.64 -1.27 -28.18
C ILE A 502 -11.72 -2.11 -28.87
N LYS A 503 -11.32 -3.23 -29.47
CA LYS A 503 -12.25 -4.18 -30.10
C LYS A 503 -13.30 -4.71 -29.12
N GLU A 504 -12.86 -5.08 -27.92
CA GLU A 504 -13.75 -5.59 -26.87
C GLU A 504 -14.79 -4.56 -26.43
N ASN A 505 -14.39 -3.29 -26.38
CA ASN A 505 -15.32 -2.19 -26.08
C ASN A 505 -16.35 -1.95 -27.18
N ILE A 506 -15.95 -2.09 -28.44
CA ILE A 506 -16.86 -1.85 -29.58
C ILE A 506 -17.86 -2.98 -29.74
N ILE A 507 -17.39 -4.23 -29.68
CA ILE A 507 -18.27 -5.41 -29.82
C ILE A 507 -19.12 -5.54 -28.55
N PHE A 508 -18.48 -5.89 -27.43
CA PHE A 508 -19.09 -5.83 -26.10
C PHE A 508 -20.44 -6.55 -25.96
N GLY A 509 -20.39 -7.88 -25.90
CA GLY A 509 -21.56 -8.73 -25.64
C GLY A 509 -22.19 -9.38 -26.86
N VAL A 510 -22.61 -8.56 -27.81
CA VAL A 510 -23.35 -9.02 -28.99
C VAL A 510 -22.36 -9.64 -29.99
N SER A 511 -22.84 -10.62 -30.77
CA SER A 511 -22.02 -11.34 -31.74
C SER A 511 -21.53 -10.46 -32.90
N TYR A 512 -20.51 -10.94 -33.61
CA TYR A 512 -19.86 -10.18 -34.68
C TYR A 512 -20.69 -10.21 -35.97
N ASP A 513 -20.95 -9.02 -36.52
CA ASP A 513 -21.61 -8.85 -37.82
C ASP A 513 -20.79 -7.84 -38.62
N GLU A 514 -20.02 -8.35 -39.57
CA GLU A 514 -18.99 -7.57 -40.28
C GLU A 514 -19.54 -6.43 -41.13
N TYR A 515 -20.62 -6.69 -41.85
CA TYR A 515 -21.24 -5.70 -42.73
C TYR A 515 -21.82 -4.52 -41.94
N ARG A 516 -22.41 -4.83 -40.79
CA ARG A 516 -22.88 -3.80 -39.85
C ARG A 516 -21.73 -3.10 -39.14
N TYR A 517 -20.70 -3.88 -38.77
CA TYR A 517 -19.47 -3.33 -38.18
C TYR A 517 -18.77 -2.34 -39.13
N ARG A 518 -18.84 -2.61 -40.43
CA ARG A 518 -18.31 -1.72 -41.46
C ARG A 518 -19.07 -0.39 -41.48
N SER A 519 -20.40 -0.43 -41.36
CA SER A 519 -21.22 0.78 -41.27
C SER A 519 -21.02 1.52 -39.94
N VAL A 520 -20.87 0.77 -38.85
CA VAL A 520 -20.62 1.35 -37.52
C VAL A 520 -19.25 2.05 -37.47
N ILE A 521 -18.20 1.36 -37.93
CA ILE A 521 -16.84 1.93 -37.96
C ILE A 521 -16.74 3.11 -38.95
N LYS A 522 -17.45 3.01 -40.08
CA LYS A 522 -17.58 4.11 -41.03
C LYS A 522 -18.31 5.30 -40.40
N ALA A 523 -19.38 5.02 -39.65
CA ALA A 523 -20.15 6.06 -38.97
C ALA A 523 -19.34 6.76 -37.87
N CYS A 524 -18.76 5.97 -36.96
CA CYS A 524 -17.99 6.53 -35.84
C CYS A 524 -16.60 7.05 -36.24
N GLN A 525 -16.09 6.59 -37.39
CA GLN A 525 -14.80 7.05 -37.95
C GLN A 525 -13.59 6.78 -37.05
N LEU A 526 -13.31 5.50 -36.84
CA LEU A 526 -12.10 5.03 -36.16
C LEU A 526 -11.05 4.42 -37.11
N GLU A 527 -11.46 4.01 -38.31
CA GLU A 527 -10.55 3.38 -39.31
C GLU A 527 -9.25 4.15 -39.56
N GLU A 528 -9.32 5.49 -39.51
CA GLU A 528 -8.13 6.34 -39.60
C GLU A 528 -7.20 6.14 -38.40
N ASP A 529 -7.78 6.10 -37.20
CA ASP A 529 -7.02 5.84 -35.97
C ASP A 529 -6.49 4.40 -35.90
N ILE A 530 -7.24 3.46 -36.50
CA ILE A 530 -6.82 2.07 -36.63
C ILE A 530 -5.66 1.93 -37.62
N SER A 531 -5.77 2.58 -38.78
CA SER A 531 -4.71 2.56 -39.80
C SER A 531 -3.36 3.10 -39.31
N LYS A 532 -3.39 4.01 -38.34
CA LYS A 532 -2.17 4.44 -37.64
C LYS A 532 -1.50 3.27 -36.89
N PHE A 533 -2.32 2.39 -36.29
CA PHE A 533 -1.83 1.11 -35.77
C PHE A 533 -1.82 0.09 -36.92
N ALA A 534 -0.90 0.31 -37.85
CA ALA A 534 -0.91 -0.34 -39.17
C ALA A 534 -1.04 -1.87 -39.17
N GLU A 535 -0.49 -2.53 -38.15
CA GLU A 535 -0.60 -3.98 -38.01
C GLU A 535 -2.03 -4.38 -37.63
N LYS A 536 -2.48 -3.94 -36.46
CA LYS A 536 -3.81 -4.31 -35.94
C LYS A 536 -4.18 -3.45 -34.73
N ASP A 537 -5.48 -3.26 -34.53
CA ASP A 537 -6.03 -2.46 -33.42
C ASP A 537 -6.30 -3.29 -32.17
N ASN A 538 -5.22 -3.81 -31.56
CA ASN A 538 -5.29 -4.55 -30.30
C ASN A 538 -4.32 -3.98 -29.26
N ILE A 539 -4.38 -2.66 -29.09
CA ILE A 539 -3.60 -1.97 -28.05
C ILE A 539 -4.25 -2.22 -26.69
N VAL A 540 -3.47 -2.76 -25.75
CA VAL A 540 -3.98 -3.15 -24.44
C VAL A 540 -4.09 -1.92 -23.53
N LEU A 541 -5.26 -1.29 -23.54
CA LEU A 541 -5.54 -0.14 -22.68
C LEU A 541 -5.82 -0.60 -21.25
N GLY A 542 -5.79 0.36 -20.32
CA GLY A 542 -6.04 0.10 -18.89
C GLY A 542 -7.15 1.00 -18.35
N GLU A 543 -6.98 1.41 -17.09
CA GLU A 543 -7.94 2.31 -16.44
C GLU A 543 -7.74 3.73 -16.96
N GLY A 544 -8.85 4.40 -17.28
CA GLY A 544 -8.82 5.76 -17.82
C GLY A 544 -8.53 5.77 -19.32
N GLY A 545 -7.27 5.56 -19.68
CA GLY A 545 -6.81 5.55 -21.07
C GLY A 545 -5.95 6.77 -21.38
N ILE A 546 -4.75 6.78 -20.82
CA ILE A 546 -3.80 7.90 -20.99
C ILE A 546 -3.20 8.00 -22.41
N THR A 547 -3.12 6.88 -23.12
CA THR A 547 -2.51 6.83 -24.46
C THR A 547 -3.38 7.51 -25.52
N LEU A 548 -4.62 7.03 -25.66
CA LEU A 548 -5.57 7.57 -26.64
C LEU A 548 -6.16 8.91 -26.17
N SER A 549 -6.60 9.71 -27.13
CA SER A 549 -7.09 11.07 -26.87
C SER A 549 -8.51 11.07 -26.30
N GLY A 550 -8.83 12.12 -25.54
CA GLY A 550 -10.15 12.30 -24.92
C GLY A 550 -11.32 12.30 -25.89
N GLY A 551 -11.08 12.73 -27.13
CA GLY A 551 -12.04 12.59 -28.22
C GLY A 551 -12.23 11.15 -28.62
N GLN A 552 -11.13 10.43 -28.85
CA GLN A 552 -11.19 9.02 -29.26
C GLN A 552 -11.90 8.11 -28.26
N ARG A 553 -11.76 8.40 -26.96
CA ARG A 553 -12.50 7.68 -25.92
C ARG A 553 -14.00 7.95 -26.03
N ALA A 554 -14.37 9.20 -26.35
CA ALA A 554 -15.77 9.56 -26.59
C ALA A 554 -16.31 8.94 -27.89
N ARG A 555 -15.46 8.83 -28.91
CA ARG A 555 -15.82 8.12 -30.15
C ARG A 555 -16.03 6.62 -29.91
N ILE A 556 -15.19 6.02 -29.06
CA ILE A 556 -15.37 4.63 -28.64
C ILE A 556 -16.64 4.48 -27.78
N SER A 557 -16.88 5.47 -26.91
CA SER A 557 -18.11 5.51 -26.10
C SER A 557 -19.37 5.59 -26.97
N LEU A 558 -19.32 6.46 -27.98
CA LEU A 558 -20.39 6.59 -28.97
C LEU A 558 -20.54 5.31 -29.81
N ALA A 559 -19.41 4.73 -30.21
CA ALA A 559 -19.39 3.48 -30.99
C ALA A 559 -20.02 2.33 -30.22
N ARG A 560 -19.59 2.15 -28.96
CA ARG A 560 -20.17 1.14 -28.08
C ARG A 560 -21.67 1.37 -27.85
N ALA A 561 -22.05 2.64 -27.73
CA ALA A 561 -23.47 3.00 -27.56
C ALA A 561 -24.29 2.64 -28.80
N VAL A 562 -23.83 3.08 -29.97
CA VAL A 562 -24.57 2.87 -31.23
C VAL A 562 -24.39 1.48 -31.85
N TYR A 563 -23.44 0.68 -31.37
CA TYR A 563 -23.25 -0.69 -31.89
C TYR A 563 -24.43 -1.61 -31.56
N LYS A 564 -24.84 -1.59 -30.29
CA LYS A 564 -25.88 -2.50 -29.79
C LYS A 564 -27.28 -2.11 -30.27
N ASP A 565 -28.13 -3.12 -30.46
CA ASP A 565 -29.53 -2.92 -30.83
C ASP A 565 -30.34 -2.58 -29.58
N ALA A 566 -31.17 -1.56 -29.66
CA ALA A 566 -31.99 -1.10 -28.53
C ALA A 566 -33.14 -0.20 -28.99
N ASP A 567 -34.26 -0.24 -28.27
CA ASP A 567 -35.44 0.56 -28.59
C ASP A 567 -35.35 2.00 -28.07
N LEU A 568 -34.47 2.25 -27.10
CA LEU A 568 -34.25 3.60 -26.55
C LEU A 568 -32.75 3.89 -26.39
N TYR A 569 -32.29 4.94 -27.06
CA TYR A 569 -30.90 5.40 -27.00
C TYR A 569 -30.79 6.71 -26.21
N LEU A 570 -30.18 6.64 -25.03
CA LEU A 570 -29.98 7.80 -24.16
C LEU A 570 -28.57 8.36 -24.32
N LEU A 571 -28.47 9.59 -24.84
CA LEU A 571 -27.18 10.22 -25.15
C LEU A 571 -26.91 11.38 -24.18
N ASP A 572 -26.14 11.08 -23.13
CA ASP A 572 -25.84 12.05 -22.06
C ASP A 572 -24.51 12.77 -22.35
N SER A 573 -24.61 13.83 -23.17
CA SER A 573 -23.47 14.66 -23.58
C SER A 573 -22.32 13.85 -24.22
N PRO A 574 -22.56 13.26 -25.41
CA PRO A 574 -21.48 12.55 -26.11
C PRO A 574 -20.40 13.48 -26.68
N PHE A 575 -20.84 14.57 -27.31
CA PHE A 575 -19.95 15.49 -28.03
C PHE A 575 -19.48 16.63 -27.13
N GLY A 576 -18.61 16.29 -26.18
CA GLY A 576 -18.05 17.25 -25.21
C GLY A 576 -16.60 17.59 -25.48
N TYR A 577 -15.75 16.56 -25.50
CA TYR A 577 -14.30 16.70 -25.72
C TYR A 577 -13.92 16.49 -27.18
N LEU A 578 -14.45 17.33 -28.06
CA LEU A 578 -14.21 17.25 -29.50
C LEU A 578 -14.17 18.65 -30.12
N ASP A 579 -13.26 18.86 -31.08
CA ASP A 579 -13.15 20.15 -31.78
C ASP A 579 -14.31 20.34 -32.76
N VAL A 580 -14.83 21.56 -32.83
CA VAL A 580 -16.11 21.86 -33.49
C VAL A 580 -16.24 21.42 -34.96
N LEU A 581 -15.16 21.57 -35.74
CA LEU A 581 -15.21 21.27 -37.19
C LEU A 581 -15.35 19.76 -37.44
N THR A 582 -14.44 18.99 -36.84
CA THR A 582 -14.46 17.52 -36.93
C THR A 582 -15.65 16.92 -36.17
N GLU A 583 -16.08 17.60 -35.10
CA GLU A 583 -17.30 17.24 -34.38
C GLU A 583 -18.53 17.38 -35.28
N LYS A 584 -18.69 18.55 -35.90
CA LYS A 584 -19.85 18.86 -36.76
C LYS A 584 -20.01 17.89 -37.93
N GLU A 585 -18.89 17.54 -38.59
CA GLU A 585 -18.91 16.59 -39.71
C GLU A 585 -19.45 15.20 -39.33
N ILE A 586 -19.00 14.70 -38.18
CA ILE A 586 -19.45 13.39 -37.65
C ILE A 586 -20.89 13.50 -37.12
N PHE A 587 -21.14 14.54 -36.33
CA PHE A 587 -22.44 14.81 -35.70
C PHE A 587 -23.56 14.98 -36.74
N GLU A 588 -23.34 15.83 -37.74
CA GLU A 588 -24.34 16.06 -38.79
C GLU A 588 -24.54 14.85 -39.72
N SER A 589 -23.49 14.06 -39.95
CA SER A 589 -23.60 12.85 -40.75
C SER A 589 -24.31 11.72 -40.00
N CYS A 590 -23.83 11.42 -38.78
CA CYS A 590 -24.38 10.32 -37.98
C CYS A 590 -25.86 10.50 -37.61
N VAL A 591 -26.26 11.73 -37.31
CA VAL A 591 -27.68 12.05 -37.08
C VAL A 591 -28.56 11.69 -38.29
N CYS A 592 -28.05 11.94 -39.50
CA CYS A 592 -28.75 11.58 -40.74
C CYS A 592 -28.69 10.08 -41.04
N LYS A 593 -27.50 9.49 -40.86
CA LYS A 593 -27.26 8.07 -41.21
C LYS A 593 -27.89 7.08 -40.23
N LEU A 594 -27.65 7.28 -38.92
CA LEU A 594 -28.11 6.32 -37.90
C LEU A 594 -29.61 6.38 -37.67
N MET A 595 -30.15 7.59 -37.50
CA MET A 595 -31.58 7.77 -37.24
C MET A 595 -32.40 7.60 -38.52
N ALA A 596 -32.68 6.34 -38.87
CA ALA A 596 -33.61 6.01 -39.95
C ALA A 596 -35.03 6.12 -39.40
N ASN A 597 -35.27 5.43 -38.29
CA ASN A 597 -36.48 5.61 -37.48
C ASN A 597 -36.23 5.15 -36.05
N LYS A 598 -35.11 5.60 -35.47
CA LYS A 598 -34.66 5.17 -34.14
C LYS A 598 -34.91 6.26 -33.09
N THR A 599 -35.43 5.83 -31.95
CA THR A 599 -35.78 6.73 -30.85
C THR A 599 -34.51 7.12 -30.12
N ARG A 600 -34.22 8.42 -30.11
CA ARG A 600 -33.01 8.96 -29.49
C ARG A 600 -33.34 10.18 -28.62
N ILE A 601 -32.60 10.32 -27.51
CA ILE A 601 -32.74 11.44 -26.58
C ILE A 601 -31.34 12.01 -26.32
N LEU A 602 -31.13 13.28 -26.69
CA LEU A 602 -29.82 13.93 -26.59
C LEU A 602 -29.86 15.14 -25.66
N VAL A 603 -28.93 15.16 -24.70
CA VAL A 603 -28.67 16.32 -23.85
C VAL A 603 -27.58 17.16 -24.51
N THR A 604 -27.93 18.36 -24.99
CA THR A 604 -27.00 19.17 -25.79
C THR A 604 -27.32 20.67 -25.76
N SER A 605 -26.41 21.46 -26.35
CA SER A 605 -26.60 22.90 -26.52
C SER A 605 -26.05 23.34 -27.89
N LYS A 606 -26.57 22.72 -28.96
CA LYS A 606 -26.21 23.03 -30.34
C LYS A 606 -27.49 23.32 -31.14
N MET A 607 -27.58 24.53 -31.70
CA MET A 607 -28.83 25.08 -32.25
C MET A 607 -29.30 24.39 -33.52
N GLU A 608 -28.36 24.15 -34.45
CA GLU A 608 -28.66 23.51 -35.75
C GLU A 608 -29.37 22.15 -35.58
N HIS A 609 -28.88 21.35 -34.64
CA HIS A 609 -29.51 20.07 -34.29
C HIS A 609 -30.89 20.27 -33.65
N LEU A 610 -31.03 21.29 -32.81
CA LEU A 610 -32.34 21.66 -32.22
C LEU A 610 -33.35 22.06 -33.29
N LYS A 611 -32.89 22.80 -34.32
CA LYS A 611 -33.73 23.16 -35.47
C LYS A 611 -34.10 21.93 -36.30
N LYS A 612 -33.14 21.02 -36.49
CA LYS A 612 -33.37 19.79 -37.26
C LYS A 612 -34.09 18.67 -36.48
N ALA A 613 -34.22 18.82 -35.16
CA ALA A 613 -34.93 17.82 -34.32
C ALA A 613 -36.44 17.83 -34.52
N ASP A 614 -37.11 16.78 -34.01
CA ASP A 614 -38.56 16.62 -34.12
C ASP A 614 -39.30 17.32 -32.99
N LYS A 615 -38.88 17.05 -31.75
CA LYS A 615 -39.44 17.71 -30.56
C LYS A 615 -38.35 18.11 -29.55
N ILE A 616 -38.58 19.22 -28.87
CA ILE A 616 -37.58 19.84 -27.99
C ILE A 616 -38.19 20.06 -26.60
N LEU A 617 -37.33 19.98 -25.57
CA LEU A 617 -37.72 20.27 -24.18
C LEU A 617 -36.58 20.97 -23.42
N ILE A 618 -36.67 22.30 -23.32
CA ILE A 618 -35.65 23.11 -22.64
C ILE A 618 -36.04 23.29 -21.18
N LEU A 619 -35.11 22.97 -20.27
CA LEU A 619 -35.36 23.02 -18.82
C LEU A 619 -34.56 24.14 -18.15
N HIS A 620 -35.02 24.58 -16.98
CA HIS A 620 -34.36 25.63 -16.21
C HIS A 620 -34.52 25.40 -14.71
N GLU A 621 -33.57 24.64 -14.13
CA GLU A 621 -33.52 24.34 -12.69
C GLU A 621 -34.81 23.73 -12.15
N GLY A 622 -35.25 22.66 -12.80
CA GLY A 622 -36.51 21.99 -12.45
C GLY A 622 -37.76 22.78 -12.80
N SER A 623 -37.66 23.66 -13.80
CA SER A 623 -38.79 24.43 -14.30
C SER A 623 -38.63 24.58 -15.80
N SER A 624 -39.50 23.93 -16.55
CA SER A 624 -39.43 23.92 -18.02
C SER A 624 -39.93 25.25 -18.57
N TYR A 625 -39.35 25.67 -19.70
CA TYR A 625 -39.84 26.86 -20.40
C TYR A 625 -41.16 26.52 -21.08
N PHE A 626 -41.11 25.57 -22.01
CA PHE A 626 -42.29 25.11 -22.74
C PHE A 626 -42.08 23.68 -23.25
N TYR A 627 -43.12 23.14 -23.89
CA TYR A 627 -43.05 21.87 -24.60
C TYR A 627 -43.35 22.13 -26.07
N GLY A 628 -42.68 21.39 -26.97
CA GLY A 628 -43.01 21.39 -28.39
C GLY A 628 -41.82 21.53 -29.32
N THR A 629 -41.81 22.60 -30.11
CA THR A 629 -40.92 22.75 -31.26
C THR A 629 -40.19 24.08 -31.26
N PHE A 630 -39.10 24.14 -32.03
CA PHE A 630 -38.39 25.38 -32.33
C PHE A 630 -39.30 26.40 -33.03
N SER A 631 -40.24 25.90 -33.82
CA SER A 631 -41.29 26.73 -34.44
C SER A 631 -42.14 27.45 -33.39
N GLU A 632 -42.50 26.73 -32.33
CA GLU A 632 -43.17 27.36 -31.17
C GLU A 632 -42.20 28.27 -30.41
N LEU A 633 -40.97 27.79 -30.25
CA LEU A 633 -39.89 28.53 -29.54
C LEU A 633 -39.66 29.93 -30.10
N GLN A 634 -39.65 30.06 -31.42
CA GLN A 634 -39.52 31.38 -32.09
C GLN A 634 -40.65 32.34 -31.72
N ASN A 635 -41.86 31.83 -31.49
CA ASN A 635 -43.00 32.64 -31.06
C ASN A 635 -43.03 32.92 -29.56
N LEU A 636 -42.91 31.87 -28.77
CA LEU A 636 -43.02 31.96 -27.30
C LEU A 636 -41.77 32.53 -26.61
N GLN A 637 -40.58 32.22 -27.12
CA GLN A 637 -39.32 32.71 -26.58
C GLN A 637 -38.51 33.43 -27.68
N PRO A 638 -38.96 34.64 -28.08
CA PRO A 638 -38.27 35.38 -29.15
C PRO A 638 -36.90 35.94 -28.75
N ASP A 639 -36.78 36.44 -27.52
CA ASP A 639 -35.53 37.00 -27.00
C ASP A 639 -34.44 35.93 -26.85
N PHE A 640 -34.82 34.77 -26.30
CA PHE A 640 -33.90 33.64 -26.15
C PHE A 640 -33.46 33.08 -27.51
N SER A 641 -34.41 32.91 -28.42
CA SER A 641 -34.14 32.47 -29.79
C SER A 641 -33.25 33.46 -30.56
N SER A 642 -33.53 34.76 -30.40
CA SER A 642 -32.70 35.81 -31.00
C SER A 642 -31.30 35.92 -30.35
N LYS A 643 -31.23 35.67 -29.04
CA LYS A 643 -29.96 35.74 -28.30
C LYS A 643 -28.98 34.63 -28.69
N LEU A 644 -29.49 33.39 -28.78
CA LEU A 644 -28.65 32.26 -29.20
C LEU A 644 -28.19 32.36 -30.65
N MET A 645 -29.09 32.81 -31.54
CA MET A 645 -28.74 33.04 -32.94
C MET A 645 -27.87 34.30 -33.09
N THR A 844 18.26 -10.25 -1.09
CA THR A 844 19.23 -10.11 -0.04
C THR A 844 20.64 -10.18 -0.64
N THR A 845 21.46 -9.18 -0.31
CA THR A 845 22.89 -9.20 -0.61
C THR A 845 23.62 -9.27 0.73
N TRP A 846 24.67 -10.08 0.78
CA TRP A 846 25.39 -10.37 2.02
C TRP A 846 26.19 -9.17 2.54
N ASN A 847 26.56 -8.26 1.64
CA ASN A 847 27.28 -7.04 2.00
C ASN A 847 26.41 -6.01 2.73
N THR A 848 25.13 -5.93 2.37
CA THR A 848 24.17 -4.99 3.01
C THR A 848 24.04 -5.21 4.53
N TYR A 849 24.25 -6.45 5.00
CA TYR A 849 24.38 -6.71 6.43
C TYR A 849 25.56 -5.93 7.03
N LEU A 850 26.71 -6.01 6.34
CA LEU A 850 27.93 -5.31 6.76
C LEU A 850 27.75 -3.80 6.67
N ARG A 851 27.14 -3.33 5.59
CA ARG A 851 26.86 -1.90 5.41
C ARG A 851 25.81 -1.37 6.39
N TYR A 852 24.86 -2.22 6.80
CA TYR A 852 23.86 -1.85 7.80
C TYR A 852 24.48 -1.85 9.20
N ILE A 853 25.22 -2.90 9.53
CA ILE A 853 25.80 -3.04 10.88
C ILE A 853 26.96 -2.05 11.15
N THR A 854 27.71 -1.68 10.11
CA THR A 854 28.87 -0.77 10.27
C THR A 854 28.59 0.66 9.75
N VAL A 855 27.55 1.28 10.28
CA VAL A 855 27.31 2.73 10.14
C VAL A 855 26.93 3.37 11.49
N HIS A 856 27.46 2.81 12.57
CA HIS A 856 27.22 3.29 13.93
C HIS A 856 28.20 2.60 14.89
N LYS A 857 28.89 3.40 15.71
CA LYS A 857 29.95 2.88 16.59
C LYS A 857 29.43 2.14 17.82
N SER A 858 28.49 2.76 18.54
CA SER A 858 27.95 2.19 19.79
C SER A 858 27.32 0.78 19.61
N LEU A 859 26.69 0.56 18.47
CA LEU A 859 26.14 -0.76 18.10
C LEU A 859 27.19 -1.87 18.04
N ILE A 860 28.43 -1.51 17.69
CA ILE A 860 29.56 -2.46 17.69
C ILE A 860 29.96 -2.82 19.12
N PHE A 861 29.97 -1.82 20.01
CA PHE A 861 30.33 -2.04 21.42
C PHE A 861 29.29 -2.87 22.17
N VAL A 862 28.00 -2.58 21.97
CA VAL A 862 26.92 -3.26 22.69
C VAL A 862 26.81 -4.76 22.35
N LEU A 863 27.01 -5.12 21.08
CA LEU A 863 26.98 -6.53 20.66
C LEU A 863 28.22 -7.30 21.14
N ILE A 864 29.37 -6.64 21.20
CA ILE A 864 30.58 -7.21 21.82
C ILE A 864 30.34 -7.39 23.33
N TRP A 865 29.73 -6.38 23.96
CA TRP A 865 29.39 -6.44 25.39
C TRP A 865 28.33 -7.50 25.70
N CYS A 866 27.45 -7.77 24.75
CA CYS A 866 26.51 -8.90 24.84
C CYS A 866 27.23 -10.24 24.71
N LEU A 867 28.09 -10.35 23.70
CA LEU A 867 28.85 -11.57 23.43
C LEU A 867 29.83 -11.95 24.54
N VAL A 868 30.54 -10.95 25.09
CA VAL A 868 31.51 -11.21 26.18
C VAL A 868 30.84 -11.75 27.45
N ILE A 869 29.66 -11.23 27.79
CA ILE A 869 28.88 -11.71 28.94
C ILE A 869 28.29 -13.08 28.65
N PHE A 870 27.82 -13.29 27.41
CA PHE A 870 27.35 -14.61 26.96
C PHE A 870 28.46 -15.67 27.07
N LEU A 871 29.67 -15.31 26.64
CA LEU A 871 30.85 -16.18 26.80
C LEU A 871 31.25 -16.34 28.28
N ALA A 872 31.10 -15.27 29.06
CA ALA A 872 31.41 -15.30 30.50
C ALA A 872 30.49 -16.21 31.30
N GLU A 873 29.18 -16.13 31.05
CA GLU A 873 28.18 -16.93 31.79
C GLU A 873 28.20 -18.41 31.41
N VAL A 874 28.25 -18.71 30.11
CA VAL A 874 28.29 -20.10 29.63
C VAL A 874 29.50 -20.88 30.17
N ALA A 875 30.61 -20.18 30.42
CA ALA A 875 31.77 -20.78 31.10
C ALA A 875 31.46 -21.07 32.58
N ALA A 876 30.82 -20.12 33.26
CA ALA A 876 30.43 -20.28 34.66
C ALA A 876 29.50 -21.48 34.89
N SER A 877 28.69 -21.80 33.89
CA SER A 877 27.88 -23.03 33.89
C SER A 877 28.77 -24.27 33.99
N LEU A 878 29.82 -24.32 33.16
CA LEU A 878 30.80 -25.43 33.19
C LEU A 878 31.53 -25.50 34.54
N VAL A 879 31.85 -24.34 35.10
CA VAL A 879 32.51 -24.25 36.42
C VAL A 879 31.61 -24.84 37.53
N VAL A 880 30.32 -24.53 37.48
CA VAL A 880 29.35 -25.09 38.43
C VAL A 880 29.15 -26.59 38.18
N LEU A 881 28.89 -26.96 36.93
CA LEU A 881 28.68 -28.37 36.55
C LEU A 881 29.93 -29.25 36.69
N TRP A 882 31.10 -28.64 36.82
CA TRP A 882 32.34 -29.37 37.19
C TRP A 882 32.18 -30.12 38.53
N LEU A 883 31.54 -29.48 39.50
CA LEU A 883 31.20 -30.12 40.78
C LEU A 883 29.94 -30.95 40.62
N SER A 909 21.67 -29.20 55.76
CA SER A 909 20.43 -28.95 55.04
C SER A 909 20.54 -29.29 53.56
N THR A 910 21.55 -28.71 52.91
CA THR A 910 21.81 -28.86 51.45
C THR A 910 20.65 -28.38 50.56
N SER A 911 19.88 -27.40 51.05
CA SER A 911 18.76 -26.83 50.29
C SER A 911 19.24 -25.88 49.17
N SER A 912 20.50 -25.47 49.21
CA SER A 912 21.10 -24.66 48.14
C SER A 912 21.73 -25.54 47.06
N TYR A 913 22.63 -26.42 47.48
CA TYR A 913 23.40 -27.29 46.56
C TYR A 913 22.52 -28.05 45.58
N TYR A 914 21.51 -28.74 46.11
CA TYR A 914 20.59 -29.54 45.29
C TYR A 914 19.62 -28.69 44.45
N VAL A 915 19.28 -27.48 44.93
CA VAL A 915 18.38 -26.57 44.22
C VAL A 915 19.12 -25.68 43.20
N PHE A 916 20.46 -25.64 43.25
CA PHE A 916 21.25 -24.83 42.31
C PHE A 916 21.19 -25.33 40.84
N TYR A 917 20.90 -26.63 40.67
CA TYR A 917 20.71 -27.24 39.34
C TYR A 917 19.68 -26.54 38.44
N ILE A 918 18.59 -26.04 39.04
CA ILE A 918 17.46 -25.50 38.29
C ILE A 918 17.79 -24.25 37.45
N TYR A 919 18.68 -23.39 37.97
CA TYR A 919 19.01 -22.14 37.29
C TYR A 919 19.81 -22.36 36.00
N VAL A 920 20.82 -23.23 36.09
CA VAL A 920 21.60 -23.63 34.91
C VAL A 920 20.77 -24.58 34.02
N GLY A 921 19.90 -25.38 34.65
CA GLY A 921 19.00 -26.29 33.94
C GLY A 921 18.00 -25.58 33.06
N VAL A 922 17.38 -24.53 33.59
CA VAL A 922 16.49 -23.65 32.80
C VAL A 922 17.37 -22.64 32.05
N ALA A 923 17.77 -23.02 30.83
CA ALA A 923 18.61 -22.17 29.97
C ALA A 923 17.87 -20.91 29.49
N ASP A 924 16.54 -20.98 29.45
CA ASP A 924 15.68 -19.85 29.11
C ASP A 924 15.90 -18.59 29.95
N THR A 925 16.28 -18.78 31.22
CA THR A 925 16.61 -17.66 32.12
C THR A 925 18.12 -17.40 32.19
N LEU A 926 18.92 -18.47 32.25
CA LEU A 926 20.39 -18.36 32.34
C LEU A 926 20.99 -17.76 31.06
N LEU A 927 20.76 -18.41 29.92
CA LEU A 927 21.19 -17.90 28.62
C LEU A 927 20.15 -16.92 28.06
N ALA A 928 20.07 -15.74 28.67
CA ALA A 928 19.09 -14.72 28.28
C ALA A 928 19.48 -13.33 28.81
N MET A 929 19.22 -12.31 28.00
CA MET A 929 19.60 -10.93 28.30
C MET A 929 18.47 -10.20 29.05
N GLY A 930 18.81 -9.06 29.65
CA GLY A 930 17.88 -8.31 30.49
C GLY A 930 18.20 -6.83 30.67
N PHE A 931 17.49 -6.21 31.61
CA PHE A 931 17.53 -4.76 31.85
C PHE A 931 18.92 -4.14 32.04
N PHE A 932 19.81 -4.87 32.70
CA PHE A 932 21.15 -4.34 33.03
C PHE A 932 22.11 -4.43 31.85
N ARG A 933 22.13 -5.58 31.17
CA ARG A 933 23.18 -5.91 30.18
C ARG A 933 22.70 -6.26 28.77
N GLY A 934 21.42 -6.04 28.47
CA GLY A 934 20.89 -6.15 27.09
C GLY A 934 19.80 -5.16 26.71
N LEU A 935 19.70 -4.04 27.43
CA LEU A 935 18.70 -3.00 27.15
C LEU A 935 19.07 -2.08 25.97
N PRO A 936 20.32 -1.57 25.92
CA PRO A 936 20.63 -0.57 24.88
C PRO A 936 20.82 -1.12 23.45
N LEU A 937 20.79 -2.45 23.27
CA LEU A 937 20.81 -3.08 21.94
C LEU A 937 19.70 -2.54 21.03
N VAL A 938 18.53 -2.26 21.62
CA VAL A 938 17.43 -1.61 20.91
C VAL A 938 17.75 -0.13 20.71
N HIS A 939 18.20 0.53 21.77
CA HIS A 939 18.58 1.96 21.75
C HIS A 939 19.55 2.31 20.62
N THR A 940 20.52 1.44 20.39
CA THR A 940 21.46 1.58 19.27
C THR A 940 20.75 1.43 17.91
N LEU A 941 19.86 0.43 17.81
CA LEU A 941 19.10 0.20 16.58
C LEU A 941 18.13 1.34 16.24
N ILE A 942 17.57 1.99 17.28
CA ILE A 942 16.72 3.16 17.08
C ILE A 942 17.53 4.36 16.57
N THR A 943 18.76 4.53 17.07
CA THR A 943 19.65 5.59 16.58
C THR A 943 20.12 5.35 15.12
N VAL A 944 20.28 4.08 14.74
CA VAL A 944 20.67 3.72 13.37
C VAL A 944 19.66 4.23 12.33
N SER A 945 18.36 4.06 12.60
CA SER A 945 17.30 4.54 11.71
C SER A 945 17.30 6.06 11.54
N LYS A 946 17.54 6.76 12.66
CA LYS A 946 17.67 8.23 12.66
C LYS A 946 18.88 8.67 11.83
N ILE A 947 20.00 7.97 12.00
CA ILE A 947 21.22 8.25 11.22
C ILE A 947 21.03 7.95 9.72
N LEU A 948 20.37 6.82 9.41
CA LEU A 948 20.04 6.47 8.01
C LEU A 948 19.08 7.48 7.37
N HIS A 949 18.01 7.81 8.10
CA HIS A 949 17.03 8.80 7.64
C HIS A 949 17.68 10.15 7.34
N HIS A 950 18.48 10.63 8.29
CA HIS A 950 19.20 11.90 8.17
C HIS A 950 20.00 12.00 6.87
N LYS A 951 20.75 10.95 6.55
CA LYS A 951 21.53 10.90 5.31
C LYS A 951 20.67 10.64 4.07
N MET A 952 19.62 9.82 4.21
CA MET A 952 18.72 9.51 3.07
C MET A 952 18.05 10.79 2.55
N LEU A 953 17.40 11.52 3.45
CA LEU A 953 16.74 12.79 3.12
C LEU A 953 17.71 13.80 2.50
N HIS A 954 18.92 13.84 3.04
CA HIS A 954 19.99 14.71 2.52
C HIS A 954 20.47 14.26 1.13
N SER A 955 20.45 12.94 0.89
CA SER A 955 20.84 12.36 -0.40
C SER A 955 19.72 12.42 -1.45
N VAL A 956 18.46 12.50 -1.03
CA VAL A 956 17.33 12.71 -1.97
C VAL A 956 17.50 14.09 -2.63
N LEU A 957 17.70 15.11 -1.79
CA LEU A 957 18.13 16.43 -2.27
C LEU A 957 19.62 16.35 -2.63
N GLN A 958 20.15 17.39 -3.26
CA GLN A 958 21.52 17.39 -3.80
C GLN A 958 21.69 16.21 -4.77
N ALA A 959 20.96 16.26 -5.88
CA ALA A 959 21.01 15.22 -6.91
C ALA A 959 20.61 15.75 -8.29
N PRO A 960 21.00 15.04 -9.37
CA PRO A 960 20.61 15.49 -10.72
C PRO A 960 19.12 15.34 -11.03
N MET A 961 18.54 16.37 -11.64
CA MET A 961 17.11 16.38 -11.97
C MET A 961 16.77 15.35 -13.05
N SER A 962 17.69 15.10 -13.98
CA SER A 962 17.52 14.07 -15.01
C SER A 962 17.39 12.66 -14.42
N THR A 963 18.22 12.36 -13.42
CA THR A 963 18.16 11.08 -12.70
C THR A 963 16.96 11.00 -11.76
N LEU A 964 16.63 12.13 -11.10
CA LEU A 964 15.53 12.17 -10.14
C LEU A 964 14.18 12.09 -10.84
N ASN A 965 13.93 13.00 -11.78
CA ASN A 965 12.63 13.13 -12.46
C ASN A 965 12.19 11.87 -13.23
N THR A 966 13.16 11.10 -13.73
CA THR A 966 12.87 9.80 -14.36
C THR A 966 12.21 8.81 -13.41
N LEU A 967 12.63 8.82 -12.14
CA LEU A 967 11.96 8.05 -11.10
C LEU A 967 10.67 8.78 -10.70
N LYS A 968 9.53 8.11 -10.84
CA LYS A 968 8.22 8.71 -10.51
C LYS A 968 8.08 9.00 -9.01
N ALA A 969 7.25 10.00 -8.70
CA ALA A 969 7.13 10.54 -7.33
C ALA A 969 6.52 9.54 -6.33
N GLY A 970 5.49 8.83 -6.77
CA GLY A 970 4.81 7.81 -5.96
C GLY A 970 5.74 6.76 -5.36
N GLY A 971 6.73 6.33 -6.13
CA GLY A 971 7.78 5.43 -5.65
C GLY A 971 8.67 6.07 -4.60
N ILE A 972 9.04 7.33 -4.82
CA ILE A 972 9.92 8.07 -3.90
C ILE A 972 9.20 8.31 -2.57
N LEU A 973 8.01 8.89 -2.64
CA LEU A 973 7.19 9.18 -1.44
C LEU A 973 6.89 7.92 -0.63
N ASN A 974 6.45 6.86 -1.32
CA ASN A 974 6.08 5.59 -0.67
C ASN A 974 7.26 4.92 0.02
N ARG A 975 8.38 4.81 -0.70
CA ARG A 975 9.59 4.20 -0.15
C ARG A 975 10.19 5.04 0.98
N PHE A 976 10.05 6.36 0.89
CA PHE A 976 10.51 7.27 1.94
C PHE A 976 9.60 7.28 3.18
N SER A 977 8.29 7.12 2.98
CA SER A 977 7.31 7.20 4.08
C SER A 977 7.03 5.84 4.73
N LYS A 978 6.63 4.87 3.89
CA LYS A 978 6.13 3.58 4.38
C LYS A 978 7.22 2.65 4.90
N ASP A 979 8.33 2.52 4.15
CA ASP A 979 9.37 1.55 4.46
C ASP A 979 10.22 1.90 5.69
N ILE A 980 10.70 3.14 5.74
CA ILE A 980 11.58 3.57 6.85
C ILE A 980 10.87 3.52 8.21
N ALA A 981 9.54 3.68 8.21
CA ALA A 981 8.72 3.45 9.40
C ALA A 981 8.75 1.99 9.85
N ILE A 982 8.69 1.06 8.89
CA ILE A 982 8.81 -0.38 9.17
C ILE A 982 10.24 -0.70 9.63
N LEU A 983 11.24 -0.08 9.00
CA LEU A 983 12.64 -0.18 9.41
C LEU A 983 12.89 0.38 10.82
N ASP A 984 12.18 1.44 11.17
CA ASP A 984 12.27 2.06 12.50
C ASP A 984 11.50 1.28 13.57
N ASP A 985 10.31 0.80 13.24
CA ASP A 985 9.41 0.15 14.22
C ASP A 985 9.60 -1.37 14.35
N LEU A 986 9.45 -2.09 13.25
CA LEU A 986 9.40 -3.58 13.27
C LEU A 986 10.76 -4.28 13.26
N LEU A 987 11.74 -3.71 12.57
CA LEU A 987 13.04 -4.35 12.36
C LEU A 987 13.91 -4.51 13.63
N PRO A 988 13.91 -3.51 14.54
CA PRO A 988 14.70 -3.65 15.78
C PRO A 988 14.28 -4.78 16.74
N LEU A 989 12.99 -5.14 16.75
CA LEU A 989 12.48 -6.20 17.63
C LEU A 989 12.92 -7.58 17.14
N THR A 990 12.71 -7.84 15.85
CA THR A 990 13.07 -9.12 15.22
C THR A 990 14.57 -9.46 15.30
N ILE A 991 15.43 -8.43 15.32
CA ILE A 991 16.88 -8.63 15.55
C ILE A 991 17.13 -9.12 16.98
N PHE A 992 16.51 -8.45 17.97
CA PHE A 992 16.61 -8.88 19.37
C PHE A 992 16.04 -10.28 19.57
N ASP A 993 14.92 -10.56 18.90
CA ASP A 993 14.31 -11.90 18.92
C ASP A 993 15.24 -12.93 18.30
N PHE A 994 15.78 -12.62 17.13
CA PHE A 994 16.76 -13.47 16.43
C PHE A 994 18.00 -13.76 17.28
N ILE A 995 18.60 -12.70 17.84
CA ILE A 995 19.81 -12.83 18.67
C ILE A 995 19.53 -13.66 19.93
N GLN A 996 18.48 -13.29 20.66
CA GLN A 996 18.05 -14.01 21.86
C GLN A 996 17.82 -15.50 21.57
N LEU A 997 17.06 -15.77 20.50
CA LEU A 997 16.77 -17.15 20.09
C LEU A 997 17.97 -17.90 19.50
N LEU A 998 18.95 -17.18 18.96
CA LEU A 998 20.20 -17.80 18.52
C LEU A 998 21.05 -18.17 19.73
N LEU A 999 21.29 -17.18 20.61
CA LEU A 999 22.16 -17.35 21.78
C LEU A 999 21.74 -18.50 22.71
N ILE A 1000 20.44 -18.60 22.99
CA ILE A 1000 19.90 -19.71 23.79
C ILE A 1000 20.16 -21.08 23.15
N VAL A 1001 20.01 -21.19 21.82
CA VAL A 1001 20.21 -22.46 21.12
C VAL A 1001 21.70 -22.79 21.02
N ILE A 1002 22.50 -21.86 20.52
CA ILE A 1002 23.96 -22.08 20.38
C ILE A 1002 24.66 -22.26 21.74
N GLY A 1003 24.14 -21.60 22.77
CA GLY A 1003 24.61 -21.82 24.14
C GLY A 1003 24.22 -23.18 24.70
N ALA A 1004 22.96 -23.55 24.50
CA ALA A 1004 22.44 -24.84 25.00
C ALA A 1004 23.08 -26.04 24.30
N ILE A 1005 23.16 -25.98 22.96
CA ILE A 1005 23.79 -27.05 22.17
C ILE A 1005 25.29 -27.22 22.49
N ALA A 1006 25.95 -26.12 22.91
CA ALA A 1006 27.34 -26.17 23.34
C ALA A 1006 27.50 -26.92 24.66
N VAL A 1007 26.82 -26.43 25.71
CA VAL A 1007 26.94 -27.01 27.05
C VAL A 1007 26.55 -28.49 27.13
N VAL A 1008 25.61 -28.91 26.28
CA VAL A 1008 25.29 -30.33 26.09
C VAL A 1008 26.48 -31.07 25.48
N ALA A 1009 27.07 -30.48 24.44
CA ALA A 1009 28.22 -31.06 23.74
C ALA A 1009 29.51 -31.09 24.58
N VAL A 1010 29.64 -30.19 25.56
CA VAL A 1010 30.80 -30.19 26.46
C VAL A 1010 30.84 -31.43 27.35
N LEU A 1011 29.70 -31.77 27.95
CA LEU A 1011 29.61 -32.92 28.88
C LEU A 1011 29.78 -34.24 28.15
N GLN A 1012 28.93 -34.49 27.15
CA GLN A 1012 29.04 -35.68 26.30
C GLN A 1012 29.72 -35.27 24.99
N PRO A 1013 31.00 -35.62 24.82
CA PRO A 1013 31.79 -35.13 23.68
C PRO A 1013 31.42 -35.71 22.31
N TYR A 1014 30.83 -36.91 22.29
CA TYR A 1014 30.44 -37.56 21.04
C TYR A 1014 29.26 -36.88 20.31
N ILE A 1015 28.48 -36.07 21.02
CA ILE A 1015 27.41 -35.26 20.42
C ILE A 1015 28.00 -34.22 19.45
N PHE A 1016 29.18 -33.70 19.79
CA PHE A 1016 29.93 -32.75 18.94
C PHE A 1016 30.11 -33.25 17.49
N VAL A 1017 30.26 -34.56 17.33
CA VAL A 1017 30.31 -35.18 15.99
C VAL A 1017 28.92 -35.20 15.37
N ALA A 1018 27.90 -35.52 16.18
CA ALA A 1018 26.50 -35.55 15.74
C ALA A 1018 25.90 -34.17 15.39
N THR A 1019 26.48 -33.07 15.91
CA THR A 1019 26.00 -31.72 15.61
C THR A 1019 26.32 -31.22 14.18
N VAL A 1020 27.49 -31.57 13.66
CA VAL A 1020 28.02 -30.97 12.42
C VAL A 1020 27.16 -31.28 11.16
N PRO A 1021 26.74 -32.55 10.97
CA PRO A 1021 25.79 -32.84 9.89
C PRO A 1021 24.41 -32.17 10.05
N VAL A 1022 24.00 -31.89 11.29
CA VAL A 1022 22.71 -31.26 11.57
C VAL A 1022 22.78 -29.75 11.33
N ILE A 1023 23.86 -29.10 11.81
CA ILE A 1023 24.05 -27.65 11.66
C ILE A 1023 24.18 -27.25 10.18
N VAL A 1024 24.97 -28.01 9.42
CA VAL A 1024 25.14 -27.77 7.98
C VAL A 1024 23.83 -27.99 7.20
N ALA A 1025 23.02 -28.96 7.66
CA ALA A 1025 21.72 -29.26 7.04
C ALA A 1025 20.74 -28.09 7.18
N PHE A 1026 20.72 -27.44 8.34
CA PHE A 1026 19.90 -26.24 8.55
C PHE A 1026 20.25 -25.13 7.56
N ILE A 1027 21.54 -24.82 7.46
CA ILE A 1027 22.03 -23.76 6.56
C ILE A 1027 21.83 -24.15 5.09
N MET A 1028 22.10 -25.41 4.75
CA MET A 1028 21.90 -25.90 3.38
C MET A 1028 20.41 -25.88 2.98
N LEU A 1029 19.56 -26.42 3.84
CA LEU A 1029 18.12 -26.54 3.55
C LEU A 1029 17.39 -25.20 3.55
N ARG A 1030 17.79 -24.27 4.42
CA ARG A 1030 17.17 -22.93 4.48
C ARG A 1030 17.51 -22.09 3.25
N ALA A 1031 18.79 -22.10 2.85
CA ALA A 1031 19.25 -21.45 1.62
C ALA A 1031 18.61 -22.09 0.38
N TYR A 1032 18.45 -23.42 0.42
CA TYR A 1032 17.72 -24.15 -0.63
C TYR A 1032 16.24 -23.78 -0.68
N PHE A 1033 15.65 -23.55 0.50
CA PHE A 1033 14.24 -23.18 0.65
C PHE A 1033 13.94 -21.74 0.22
N LEU A 1034 14.77 -20.78 0.63
CA LEU A 1034 14.53 -19.35 0.36
C LEU A 1034 14.38 -18.98 -1.13
N GLN A 1035 15.23 -19.57 -1.97
CA GLN A 1035 15.30 -19.26 -3.41
C GLN A 1035 13.93 -19.24 -4.11
N THR A 1036 13.08 -20.20 -3.77
CA THR A 1036 11.69 -20.23 -4.23
C THR A 1036 10.82 -19.23 -3.49
N SER A 1037 10.83 -19.30 -2.16
CA SER A 1037 9.89 -18.56 -1.29
C SER A 1037 9.79 -17.07 -1.60
N GLN A 1038 10.94 -16.42 -1.66
CA GLN A 1038 11.02 -15.00 -2.03
C GLN A 1038 10.53 -14.76 -3.46
N GLN A 1039 10.91 -15.66 -4.37
CA GLN A 1039 10.51 -15.57 -5.77
C GLN A 1039 9.02 -15.82 -5.98
N LEU A 1040 8.44 -16.68 -5.13
CA LEU A 1040 7.00 -16.96 -5.16
C LEU A 1040 6.23 -15.80 -4.52
N LYS A 1041 6.70 -15.35 -3.36
CA LYS A 1041 6.12 -14.19 -2.65
C LYS A 1041 6.18 -12.89 -3.47
N GLN A 1042 7.15 -12.82 -4.40
CA GLN A 1042 7.21 -11.74 -5.39
C GLN A 1042 5.97 -11.75 -6.29
N LEU A 1043 5.59 -12.93 -6.77
CA LEU A 1043 4.38 -13.09 -7.59
C LEU A 1043 3.07 -12.85 -6.82
N GLU A 1044 3.08 -13.09 -5.50
CA GLU A 1044 1.92 -12.80 -4.63
C GLU A 1044 1.65 -11.29 -4.52
N SER A 1045 2.72 -10.50 -4.43
CA SER A 1045 2.63 -9.04 -4.38
C SER A 1045 2.18 -8.43 -5.72
N GLU A 1046 2.73 -8.92 -6.82
CA GLU A 1046 2.33 -8.48 -8.17
C GLU A 1046 0.92 -8.93 -8.51
N GLY A 1047 0.62 -10.20 -8.23
CA GLY A 1047 -0.71 -10.78 -8.44
C GLY A 1047 -1.83 -10.25 -7.54
N ARG A 1048 -1.50 -9.35 -6.62
CA ARG A 1048 -2.51 -8.57 -5.88
C ARG A 1048 -3.23 -7.56 -6.78
N SER A 1049 -2.49 -6.91 -7.69
CA SER A 1049 -3.00 -5.75 -8.44
C SER A 1049 -4.15 -5.99 -9.45
N PRO A 1050 -4.15 -7.13 -10.19
CA PRO A 1050 -5.22 -7.38 -11.18
C PRO A 1050 -6.64 -7.30 -10.62
N ILE A 1051 -6.84 -7.78 -9.40
CA ILE A 1051 -8.14 -7.74 -8.73
C ILE A 1051 -8.54 -6.29 -8.41
N PHE A 1052 -7.61 -5.53 -7.83
CA PHE A 1052 -7.86 -4.12 -7.47
C PHE A 1052 -8.06 -3.22 -8.69
N THR A 1053 -7.20 -3.37 -9.68
CA THR A 1053 -7.32 -2.61 -10.94
C THR A 1053 -8.63 -2.93 -11.69
N HIS A 1054 -9.07 -4.19 -11.63
CA HIS A 1054 -10.36 -4.59 -12.20
C HIS A 1054 -11.54 -4.06 -11.38
N LEU A 1055 -11.45 -4.19 -10.05
CA LEU A 1055 -12.48 -3.72 -9.14
C LEU A 1055 -12.62 -2.19 -9.15
N VAL A 1056 -11.53 -1.46 -9.40
CA VAL A 1056 -11.58 0.00 -9.56
C VAL A 1056 -12.32 0.39 -10.86
N THR A 1057 -11.87 -0.18 -11.98
CA THR A 1057 -12.45 0.14 -13.30
C THR A 1057 -13.95 -0.18 -13.38
N SER A 1058 -14.34 -1.34 -12.87
CA SER A 1058 -15.76 -1.75 -12.82
C SER A 1058 -16.65 -0.76 -12.05
N LEU A 1059 -16.09 -0.08 -11.05
CA LEU A 1059 -16.82 0.95 -10.30
C LEU A 1059 -17.06 2.22 -11.13
N LYS A 1060 -16.16 2.52 -12.08
CA LYS A 1060 -16.25 3.73 -12.90
C LYS A 1060 -17.42 3.65 -13.88
N GLY A 1061 -17.48 2.55 -14.63
CA GLY A 1061 -18.56 2.32 -15.61
C GLY A 1061 -19.74 1.54 -15.05
N LEU A 1062 -20.28 2.03 -13.93
CA LEU A 1062 -21.37 1.34 -13.22
C LEU A 1062 -22.70 1.48 -13.96
N TRP A 1063 -23.03 2.71 -14.35
CA TRP A 1063 -24.26 3.01 -15.10
C TRP A 1063 -24.28 2.35 -16.47
N THR A 1064 -23.13 2.36 -17.16
CA THR A 1064 -22.98 1.67 -18.45
C THR A 1064 -23.12 0.16 -18.30
N LEU A 1065 -22.58 -0.40 -17.22
CA LEU A 1065 -22.72 -1.82 -16.90
C LEU A 1065 -24.16 -2.20 -16.55
N ARG A 1066 -24.81 -1.35 -15.76
CA ARG A 1066 -26.22 -1.53 -15.40
C ARG A 1066 -27.18 -1.38 -16.59
N ALA A 1067 -26.95 -0.36 -17.41
CA ALA A 1067 -27.82 -0.05 -18.55
C ALA A 1067 -27.77 -1.14 -19.61
N PHE A 1068 -26.57 -1.56 -19.99
CA PHE A 1068 -26.37 -2.67 -20.92
C PHE A 1068 -26.72 -4.01 -20.29
N GLY A 1069 -26.41 -4.17 -19.00
CA GLY A 1069 -26.71 -5.40 -18.26
C GLY A 1069 -25.74 -6.51 -18.61
N ARG A 1070 -24.46 -6.22 -18.40
CA ARG A 1070 -23.36 -7.15 -18.72
C ARG A 1070 -22.67 -7.65 -17.46
N GLN A 1071 -23.44 -7.90 -16.40
CA GLN A 1071 -22.88 -8.33 -15.10
C GLN A 1071 -22.32 -9.77 -15.09
N PRO A 1072 -22.88 -10.69 -15.91
CA PRO A 1072 -22.23 -12.01 -15.98
C PRO A 1072 -20.80 -11.97 -16.55
N TYR A 1073 -20.59 -11.13 -17.56
CA TYR A 1073 -19.28 -10.95 -18.19
C TYR A 1073 -18.24 -10.46 -17.18
N PHE A 1074 -18.59 -9.41 -16.44
CA PHE A 1074 -17.72 -8.84 -15.40
C PHE A 1074 -17.47 -9.84 -14.27
N GLU A 1075 -18.52 -10.53 -13.85
CA GLU A 1075 -18.40 -11.56 -12.80
C GLU A 1075 -17.50 -12.72 -13.23
N THR A 1076 -17.69 -13.20 -14.46
CA THR A 1076 -16.86 -14.28 -15.01
C THR A 1076 -15.40 -13.85 -15.22
N LEU A 1077 -15.20 -12.61 -15.64
CA LEU A 1077 -13.84 -12.05 -15.81
C LEU A 1077 -13.17 -11.83 -14.44
N PHE A 1078 -13.95 -11.39 -13.46
CA PHE A 1078 -13.47 -11.19 -12.09
C PHE A 1078 -12.94 -12.48 -11.43
N HIS A 1079 -13.53 -13.63 -11.76
CA HIS A 1079 -13.07 -14.93 -11.22
C HIS A 1079 -11.67 -15.30 -11.68
N LYS A 1080 -11.35 -14.96 -12.93
CA LYS A 1080 -10.01 -15.17 -13.49
C LYS A 1080 -8.94 -14.42 -12.69
N ALA A 1081 -9.27 -13.22 -12.23
CA ALA A 1081 -8.38 -12.44 -11.36
C ALA A 1081 -8.18 -13.07 -9.98
N LEU A 1082 -9.22 -13.73 -9.45
CA LEU A 1082 -9.10 -14.50 -8.22
C LEU A 1082 -8.25 -15.75 -8.42
N ASN A 1083 -8.58 -16.53 -9.47
CA ASN A 1083 -7.90 -17.81 -9.74
C ASN A 1083 -6.39 -17.67 -9.92
N LEU A 1084 -5.97 -16.65 -10.67
CA LEU A 1084 -4.54 -16.33 -10.82
C LEU A 1084 -3.85 -16.06 -9.48
N HIS A 1085 -4.55 -15.37 -8.57
CA HIS A 1085 -4.02 -15.10 -7.24
C HIS A 1085 -4.03 -16.35 -6.34
N THR A 1086 -5.10 -17.14 -6.40
CA THR A 1086 -5.23 -18.35 -5.57
C THR A 1086 -4.25 -19.43 -6.01
N ALA A 1087 -4.16 -19.67 -7.33
CA ALA A 1087 -3.19 -20.61 -7.89
C ALA A 1087 -1.75 -20.30 -7.43
N ASN A 1088 -1.41 -19.01 -7.44
CA ASN A 1088 -0.10 -18.55 -6.99
C ASN A 1088 0.06 -18.65 -5.47
N TRP A 1089 -0.93 -18.15 -4.73
CA TRP A 1089 -0.84 -18.06 -3.27
C TRP A 1089 -0.88 -19.44 -2.59
N PHE A 1090 -1.76 -20.32 -3.05
CA PHE A 1090 -1.92 -21.67 -2.50
C PHE A 1090 -0.59 -22.47 -2.46
N LEU A 1091 0.23 -22.28 -3.48
CA LEU A 1091 1.53 -22.95 -3.56
C LEU A 1091 2.52 -22.51 -2.48
N TYR A 1092 2.32 -21.31 -1.93
CA TYR A 1092 3.16 -20.80 -0.82
C TYR A 1092 3.00 -21.61 0.47
N LEU A 1093 1.77 -21.98 0.81
CA LEU A 1093 1.50 -22.83 1.98
C LEU A 1093 2.11 -24.23 1.84
N SER A 1094 2.04 -24.78 0.63
CA SER A 1094 2.59 -26.12 0.34
C SER A 1094 4.11 -26.19 0.47
N THR A 1095 4.82 -25.17 -0.01
CA THR A 1095 6.28 -25.08 0.18
C THR A 1095 6.64 -24.83 1.65
N LEU A 1096 5.91 -23.90 2.28
CA LEU A 1096 6.13 -23.58 3.70
C LEU A 1096 5.90 -24.79 4.61
N ARG A 1097 4.86 -25.58 4.32
CA ARG A 1097 4.61 -26.83 5.04
C ARG A 1097 5.74 -27.86 4.92
N TRP A 1098 6.35 -27.95 3.73
CA TRP A 1098 7.48 -28.87 3.51
C TRP A 1098 8.71 -28.47 4.33
N PHE A 1099 8.96 -27.15 4.41
CA PHE A 1099 10.04 -26.61 5.23
C PHE A 1099 9.81 -26.91 6.71
N GLN A 1100 8.60 -26.67 7.19
CA GLN A 1100 8.21 -26.98 8.58
C GLN A 1100 8.15 -28.49 8.86
N MET A 1101 7.90 -29.30 7.83
CA MET A 1101 7.96 -30.76 7.94
C MET A 1101 9.38 -31.26 8.10
N ARG A 1102 10.28 -30.81 7.22
CA ARG A 1102 11.68 -31.27 7.24
C ARG A 1102 12.47 -30.73 8.42
N ILE A 1103 12.23 -29.49 8.83
CA ILE A 1103 12.98 -28.85 9.93
C ILE A 1103 12.88 -29.62 11.27
N GLU A 1104 11.72 -30.22 11.52
CA GLU A 1104 11.55 -31.08 12.70
C GLU A 1104 12.20 -32.46 12.51
N MET A 1105 12.16 -32.98 11.27
CA MET A 1105 12.84 -34.23 10.92
C MET A 1105 14.37 -34.11 10.99
N ILE A 1106 14.89 -32.91 10.78
CA ILE A 1106 16.32 -32.63 11.01
C ILE A 1106 16.64 -32.68 12.51
N PHE A 1107 15.70 -32.24 13.34
CA PHE A 1107 15.87 -32.26 14.80
C PHE A 1107 15.69 -33.64 15.42
N VAL A 1108 14.65 -34.37 15.01
CA VAL A 1108 14.32 -35.67 15.63
C VAL A 1108 15.44 -36.71 15.51
N ILE A 1109 16.17 -36.71 14.39
CA ILE A 1109 17.34 -37.59 14.22
C ILE A 1109 18.49 -37.18 15.15
N PHE A 1110 18.63 -35.88 15.42
CA PHE A 1110 19.59 -35.38 16.41
C PHE A 1110 19.17 -35.79 17.82
N PHE A 1111 17.89 -35.60 18.14
CA PHE A 1111 17.35 -35.98 19.45
C PHE A 1111 17.44 -37.49 19.71
N ILE A 1112 17.05 -38.30 18.72
CA ILE A 1112 17.19 -39.76 18.78
C ILE A 1112 18.66 -40.13 19.04
N ALA A 1113 19.56 -39.52 18.29
CA ALA A 1113 21.01 -39.75 18.44
C ALA A 1113 21.52 -39.36 19.82
N VAL A 1114 21.11 -38.20 20.31
CA VAL A 1114 21.48 -37.73 21.66
C VAL A 1114 20.92 -38.63 22.75
N THR A 1115 19.65 -39.04 22.62
CA THR A 1115 19.02 -39.95 23.59
C THR A 1115 19.66 -41.34 23.58
N PHE A 1116 19.83 -41.91 22.39
CA PHE A 1116 20.45 -43.25 22.24
C PHE A 1116 21.85 -43.28 22.85
N ILE A 1117 22.71 -42.36 22.43
CA ILE A 1117 24.11 -42.35 22.91
C ILE A 1117 24.22 -42.06 24.40
N SER A 1118 23.34 -41.20 24.93
CA SER A 1118 23.34 -40.89 26.36
C SER A 1118 22.92 -42.09 27.21
N ILE A 1119 21.88 -42.78 26.76
CA ILE A 1119 21.38 -43.97 27.46
C ILE A 1119 22.35 -45.16 27.32
N LEU A 1120 22.87 -45.36 26.11
CA LEU A 1120 23.77 -46.49 25.83
C LEU A 1120 25.15 -46.37 26.47
N THR A 1121 25.77 -45.19 26.39
CA THR A 1121 27.13 -44.99 26.94
C THR A 1121 27.14 -44.97 28.47
N THR A 1122 28.32 -45.21 29.03
CA THR A 1122 28.50 -45.34 30.47
C THR A 1122 28.46 -44.00 31.19
N GLY A 1123 27.23 -43.54 31.49
CA GLY A 1123 27.01 -42.35 32.29
C GLY A 1123 27.15 -42.66 33.76
N GLU A 1124 28.22 -42.16 34.38
CA GLU A 1124 28.52 -42.44 35.79
C GLU A 1124 27.57 -41.69 36.73
N GLY A 1125 27.47 -40.37 36.54
CA GLY A 1125 26.61 -39.51 37.37
C GLY A 1125 25.13 -39.64 37.06
N GLU A 1126 24.31 -39.10 37.96
CA GLU A 1126 22.84 -39.12 37.81
C GLU A 1126 22.28 -37.84 37.19
N GLY A 1127 22.90 -36.71 37.48
CA GLY A 1127 22.53 -35.42 36.89
C GLY A 1127 22.90 -35.29 35.42
N ARG A 1128 24.08 -35.81 35.07
CA ARG A 1128 24.59 -35.79 33.69
C ARG A 1128 23.62 -36.39 32.67
N VAL A 1129 22.84 -37.39 33.11
CA VAL A 1129 21.77 -37.97 32.30
C VAL A 1129 20.61 -36.98 32.19
N GLY A 1130 20.17 -36.46 33.33
CA GLY A 1130 18.98 -35.59 33.40
C GLY A 1130 19.11 -34.23 32.71
N ILE A 1131 20.25 -33.57 32.92
CA ILE A 1131 20.47 -32.20 32.42
C ILE A 1131 20.41 -32.16 30.90
N ILE A 1132 21.13 -33.05 30.24
CA ILE A 1132 21.17 -33.13 28.77
C ILE A 1132 19.78 -33.46 28.21
N LEU A 1133 19.10 -34.43 28.83
CA LEU A 1133 17.74 -34.81 28.41
C LEU A 1133 16.73 -33.68 28.58
N THR A 1134 16.79 -33.00 29.73
CA THR A 1134 15.89 -31.87 30.01
C THR A 1134 16.13 -30.68 29.07
N LEU A 1135 17.39 -30.39 28.77
CA LEU A 1135 17.73 -29.34 27.78
C LEU A 1135 17.33 -29.74 26.36
N ALA A 1136 17.72 -30.95 25.95
CA ALA A 1136 17.46 -31.44 24.58
C ALA A 1136 15.98 -31.63 24.25
N MET A 1137 15.16 -31.95 25.25
CA MET A 1137 13.71 -32.15 25.03
C MET A 1137 12.97 -30.85 24.71
N ASN A 1138 13.12 -29.85 25.57
CA ASN A 1138 12.32 -28.62 25.50
C ASN A 1138 12.92 -27.51 24.63
N ILE A 1139 14.07 -27.75 23.98
CA ILE A 1139 14.71 -26.76 23.12
C ILE A 1139 13.97 -26.47 21.81
N MET A 1140 13.41 -27.51 21.18
CA MET A 1140 12.88 -27.42 19.80
C MET A 1140 11.98 -26.21 19.52
N SER A 1141 11.13 -25.85 20.50
CA SER A 1141 10.24 -24.70 20.38
C SER A 1141 10.98 -23.38 20.09
N THR A 1142 12.16 -23.21 20.70
CA THR A 1142 13.02 -22.05 20.41
C THR A 1142 13.70 -22.18 19.06
N LEU A 1143 14.18 -23.40 18.75
CA LEU A 1143 14.86 -23.68 17.49
C LEU A 1143 13.98 -23.40 16.25
N GLN A 1144 12.69 -23.70 16.37
CA GLN A 1144 11.72 -23.33 15.34
C GLN A 1144 11.60 -21.81 15.20
N TRP A 1145 11.50 -21.10 16.33
CA TRP A 1145 11.39 -19.63 16.31
C TRP A 1145 12.64 -18.96 15.75
N ALA A 1146 13.81 -19.53 16.07
CA ALA A 1146 15.09 -19.00 15.57
C ALA A 1146 15.20 -19.04 14.04
N VAL A 1147 14.85 -20.19 13.45
CA VAL A 1147 14.88 -20.37 11.99
C VAL A 1147 13.70 -19.63 11.34
N ASN A 1148 12.55 -19.64 12.02
CA ASN A 1148 11.37 -18.90 11.56
C ASN A 1148 11.60 -17.38 11.52
N SER A 1149 12.31 -16.84 12.50
CA SER A 1149 12.57 -15.40 12.59
C SER A 1149 13.49 -14.89 11.49
N SER A 1150 14.58 -15.63 11.24
CA SER A 1150 15.59 -15.25 10.23
C SER A 1150 14.99 -14.94 8.84
N ILE A 1151 13.96 -15.70 8.47
CA ILE A 1151 13.23 -15.46 7.21
C ILE A 1151 12.50 -14.10 7.24
N ASP A 1152 11.88 -13.79 8.38
CA ASP A 1152 11.20 -12.50 8.57
C ASP A 1152 12.22 -11.34 8.61
N VAL A 1153 13.36 -11.58 9.25
CA VAL A 1153 14.45 -10.59 9.31
C VAL A 1153 15.00 -10.34 7.91
N ASP A 1154 15.24 -11.42 7.16
CA ASP A 1154 15.75 -11.33 5.79
C ASP A 1154 14.79 -10.61 4.83
N SER A 1155 13.49 -10.91 4.97
CA SER A 1155 12.45 -10.26 4.16
C SER A 1155 12.32 -8.76 4.44
N LEU A 1156 12.41 -8.38 5.72
CA LEU A 1156 12.45 -6.97 6.11
C LEU A 1156 13.73 -6.30 5.63
N MET A 1157 14.87 -6.97 5.84
CA MET A 1157 16.18 -6.44 5.45
C MET A 1157 16.38 -6.32 3.93
N ARG A 1158 15.55 -7.02 3.15
CA ARG A 1158 15.49 -6.78 1.70
C ARG A 1158 15.23 -5.31 1.36
N SER A 1159 14.38 -4.66 2.16
CA SER A 1159 14.02 -3.25 1.94
C SER A 1159 15.04 -2.23 2.48
N VAL A 1160 16.16 -2.69 3.05
CA VAL A 1160 17.26 -1.80 3.46
C VAL A 1160 18.06 -1.37 2.23
N SER A 1161 18.31 -2.31 1.32
CA SER A 1161 19.09 -2.04 0.09
C SER A 1161 18.51 -0.89 -0.74
N ARG A 1162 17.20 -0.91 -0.93
CA ARG A 1162 16.50 0.15 -1.67
C ARG A 1162 16.63 1.55 -1.06
N VAL A 1163 16.83 1.63 0.27
CA VAL A 1163 17.19 2.90 0.91
C VAL A 1163 18.63 3.28 0.55
N PHE A 1164 19.53 2.30 0.59
CA PHE A 1164 20.93 2.52 0.18
C PHE A 1164 21.08 2.89 -1.30
N LYS A 1165 20.16 2.46 -2.15
CA LYS A 1165 20.08 2.97 -3.54
C LYS A 1165 19.84 4.49 -3.56
N PHE A 1166 18.92 4.96 -2.72
CA PHE A 1166 18.65 6.40 -2.57
C PHE A 1166 19.82 7.16 -1.95
N ILE A 1167 20.54 6.53 -1.02
CA ILE A 1167 21.74 7.13 -0.42
C ILE A 1167 22.88 7.20 -1.44
N ASP A 1168 23.05 6.13 -2.23
CA ASP A 1168 24.19 6.03 -3.17
C ASP A 1168 24.13 6.91 -4.44
N MET A 1169 22.97 7.52 -4.74
CA MET A 1169 22.83 8.33 -5.97
C MET A 1169 23.67 9.63 -5.88
N PRO A 1170 24.09 10.19 -7.04
CA PRO A 1170 25.12 11.22 -7.05
C PRO A 1170 24.66 12.62 -6.60
N THR A 1171 25.62 13.52 -6.38
CA THR A 1171 25.38 14.88 -5.92
C THR A 1171 26.13 15.88 -6.80
N GLU A 1172 25.42 16.93 -7.25
CA GLU A 1172 25.99 17.94 -8.14
C GLU A 1172 26.56 19.10 -7.36
N GLY A 1207 25.14 45.01 -11.41
CA GLY A 1207 25.00 45.01 -12.86
C GLY A 1207 24.03 43.94 -13.34
N GLY A 1208 23.20 44.29 -14.34
CA GLY A 1208 22.15 43.41 -14.87
C GLY A 1208 22.35 42.92 -16.31
N GLN A 1209 23.57 43.02 -16.82
CA GLN A 1209 23.89 42.57 -18.18
C GLN A 1209 24.12 41.06 -18.19
N MET A 1210 23.89 40.43 -19.35
CA MET A 1210 24.04 38.98 -19.50
C MET A 1210 24.45 38.59 -20.93
N THR A 1211 25.31 37.59 -21.03
CA THR A 1211 25.80 37.09 -22.34
C THR A 1211 25.86 35.55 -22.34
N VAL A 1212 25.10 34.95 -23.26
CA VAL A 1212 25.08 33.51 -23.49
C VAL A 1212 25.90 33.22 -24.76
N LYS A 1213 26.64 32.10 -24.75
CA LYS A 1213 27.41 31.68 -25.92
C LYS A 1213 27.55 30.15 -26.02
N ASP A 1214 27.17 29.60 -27.18
CA ASP A 1214 27.29 28.17 -27.49
C ASP A 1214 26.55 27.26 -26.50
N LEU A 1215 25.31 27.65 -26.16
CA LEU A 1215 24.49 26.90 -25.21
C LEU A 1215 23.81 25.73 -25.93
N THR A 1216 23.99 24.53 -25.38
CA THR A 1216 23.33 23.31 -25.85
C THR A 1216 22.84 22.53 -24.63
N ALA A 1217 21.51 22.34 -24.54
CA ALA A 1217 20.88 21.69 -23.39
C ALA A 1217 20.06 20.47 -23.82
N LYS A 1218 19.99 19.48 -22.93
CA LYS A 1218 19.30 18.22 -23.17
C LYS A 1218 18.44 17.82 -21.98
N TYR A 1219 17.38 17.06 -22.25
CA TYR A 1219 16.42 16.64 -21.23
C TYR A 1219 17.02 15.52 -20.37
N THR A 1220 17.45 14.45 -21.03
CA THR A 1220 18.20 13.35 -20.41
C THR A 1220 19.65 13.38 -20.90
N GLU A 1221 20.54 12.74 -20.15
CA GLU A 1221 21.97 12.69 -20.49
C GLU A 1221 22.21 12.12 -21.90
N GLY A 1222 22.76 12.96 -22.79
CA GLY A 1222 22.91 12.61 -24.20
C GLY A 1222 21.59 12.43 -24.94
N GLY A 1223 20.56 13.18 -24.53
CA GLY A 1223 19.22 13.06 -25.10
C GLY A 1223 18.98 13.97 -26.29
N ASN A 1224 17.74 14.43 -26.44
CA ASN A 1224 17.35 15.33 -27.54
C ASN A 1224 17.85 16.75 -27.34
N ALA A 1225 18.59 17.27 -28.32
CA ALA A 1225 19.07 18.65 -28.30
C ALA A 1225 17.94 19.61 -28.63
N ILE A 1226 17.30 20.15 -27.60
CA ILE A 1226 16.18 21.09 -27.78
C ILE A 1226 16.75 22.46 -28.10
N LEU A 1227 17.67 22.92 -27.24
CA LEU A 1227 18.50 24.11 -27.51
C LEU A 1227 19.83 23.62 -28.05
N GLU A 1228 20.35 24.31 -29.07
CA GLU A 1228 21.53 23.84 -29.82
C GLU A 1228 22.41 25.02 -30.27
N ASN A 1229 23.57 25.16 -29.62
CA ASN A 1229 24.58 26.16 -29.96
C ASN A 1229 24.03 27.60 -29.96
N ILE A 1230 23.25 27.92 -28.94
CA ILE A 1230 22.60 29.23 -28.82
C ILE A 1230 23.61 30.27 -28.30
N SER A 1231 23.56 31.47 -28.87
CA SER A 1231 24.44 32.58 -28.51
C SER A 1231 23.74 33.93 -28.68
N PHE A 1232 23.56 34.65 -27.57
CA PHE A 1232 22.93 35.99 -27.60
C PHE A 1232 23.28 36.80 -26.34
N SER A 1233 22.87 38.07 -26.32
CA SER A 1233 23.17 38.97 -25.20
C SER A 1233 21.95 39.81 -24.79
N ILE A 1234 21.92 40.19 -23.52
CA ILE A 1234 20.85 41.02 -22.95
C ILE A 1234 21.48 42.22 -22.24
N SER A 1235 21.01 43.43 -22.57
CA SER A 1235 21.57 44.68 -22.03
C SER A 1235 21.14 44.91 -20.57
N PRO A 1236 21.95 45.68 -19.79
CA PRO A 1236 21.64 45.87 -18.37
C PRO A 1236 20.50 46.85 -18.12
N GLY A 1237 19.53 46.45 -17.31
CA GLY A 1237 18.41 47.31 -16.92
C GLY A 1237 17.43 47.52 -18.07
N GLN A 1238 16.91 46.41 -18.60
CA GLN A 1238 15.96 46.42 -19.72
C GLN A 1238 14.84 45.41 -19.50
N ARG A 1239 13.61 45.82 -19.84
CA ARG A 1239 12.45 44.92 -19.82
C ARG A 1239 12.42 44.13 -21.13
N VAL A 1240 12.59 42.82 -21.03
CA VAL A 1240 12.82 41.94 -22.18
C VAL A 1240 11.56 41.13 -22.51
N GLY A 1241 11.29 41.00 -23.80
CA GLY A 1241 10.16 40.22 -24.33
C GLY A 1241 10.63 38.91 -24.93
N LEU A 1242 10.27 37.80 -24.29
CA LEU A 1242 10.69 36.46 -24.72
C LEU A 1242 9.70 35.89 -25.73
N LEU A 1243 10.17 35.67 -26.97
CA LEU A 1243 9.33 35.20 -28.07
C LEU A 1243 10.02 34.08 -28.87
N GLY A 1244 9.21 33.33 -29.62
CA GLY A 1244 9.72 32.26 -30.48
C GLY A 1244 8.65 31.30 -30.95
N ARG A 1245 9.01 30.03 -31.04
CA ARG A 1245 8.09 28.97 -31.46
C ARG A 1245 7.11 28.64 -30.33
N THR A 1246 5.88 29.14 -30.46
CA THR A 1246 4.81 28.86 -29.50
C THR A 1246 4.45 27.35 -29.48
N GLY A 1247 4.55 26.74 -28.30
CA GLY A 1247 4.32 25.30 -28.15
C GLY A 1247 5.59 24.45 -28.20
N SER A 1248 6.69 24.99 -28.72
CA SER A 1248 8.01 24.32 -28.65
C SER A 1248 8.47 24.11 -27.19
N GLY A 1249 8.22 25.12 -26.34
CA GLY A 1249 8.47 25.03 -24.85
C GLY A 1249 9.28 26.17 -24.22
N LYS A 1250 8.56 27.11 -23.58
CA LYS A 1250 9.20 28.18 -22.79
C LYS A 1250 9.72 27.69 -21.43
N SER A 1251 9.09 26.67 -20.87
CA SER A 1251 9.49 26.11 -19.56
C SER A 1251 10.84 25.36 -19.62
N THR A 1252 11.11 24.69 -20.74
CA THR A 1252 12.38 23.98 -20.96
C THR A 1252 13.57 24.95 -21.01
N LEU A 1253 13.36 26.12 -21.61
CA LEU A 1253 14.37 27.18 -21.64
C LEU A 1253 14.52 27.80 -20.24
N LEU A 1254 13.38 28.07 -19.58
CA LEU A 1254 13.36 28.54 -18.19
C LEU A 1254 14.06 27.59 -17.21
N SER A 1255 13.98 26.28 -17.46
CA SER A 1255 14.74 25.30 -16.67
C SER A 1255 16.26 25.39 -16.87
N ALA A 1256 16.68 25.75 -18.08
CA ALA A 1256 18.12 25.87 -18.42
C ALA A 1256 18.85 27.02 -17.71
N PHE A 1257 18.14 28.07 -17.33
CA PHE A 1257 18.73 29.18 -16.55
C PHE A 1257 19.13 28.71 -15.15
N LEU A 1258 18.15 28.14 -14.43
CA LEU A 1258 18.38 27.60 -13.09
C LEU A 1258 19.12 26.26 -13.08
N ARG A 1259 19.21 25.60 -14.25
CA ARG A 1259 19.96 24.36 -14.44
C ARG A 1259 19.25 23.17 -13.77
N LEU A 1260 18.08 22.84 -14.30
CA LEU A 1260 17.28 21.69 -13.86
C LEU A 1260 17.18 20.62 -14.96
N LEU A 1261 18.23 20.50 -15.76
CA LEU A 1261 18.34 19.51 -16.82
C LEU A 1261 19.81 19.40 -17.25
N ASN A 1262 20.11 18.56 -18.24
CA ASN A 1262 21.48 18.44 -18.75
C ASN A 1262 21.84 19.68 -19.57
N THR A 1263 23.02 20.26 -19.29
CA THR A 1263 23.43 21.52 -19.90
C THR A 1263 24.89 21.48 -20.38
N GLU A 1264 25.16 22.21 -21.46
CA GLU A 1264 26.51 22.40 -21.98
C GLU A 1264 26.59 23.79 -22.60
N GLY A 1265 27.78 24.41 -22.53
CA GLY A 1265 28.03 25.74 -23.08
C GLY A 1265 28.68 26.67 -22.07
N GLU A 1266 28.51 27.97 -22.26
CA GLU A 1266 29.06 28.97 -21.35
C GLU A 1266 28.18 30.23 -21.33
N ILE A 1267 27.76 30.61 -20.13
CA ILE A 1267 26.91 31.79 -19.90
C ILE A 1267 27.57 32.70 -18.86
N GLN A 1268 27.39 34.02 -19.01
CA GLN A 1268 27.91 35.01 -18.05
C GLN A 1268 26.89 36.11 -17.76
N ILE A 1269 26.98 36.68 -16.56
CA ILE A 1269 26.17 37.83 -16.15
C ILE A 1269 27.11 39.02 -15.97
N ASP A 1270 27.23 39.84 -17.01
CA ASP A 1270 28.10 41.03 -17.02
C ASP A 1270 29.57 40.72 -16.69
N GLY A 1271 30.09 39.65 -17.30
CA GLY A 1271 31.47 39.22 -17.08
C GLY A 1271 31.72 38.27 -15.91
N VAL A 1272 30.67 37.90 -15.18
CA VAL A 1272 30.77 36.92 -14.08
C VAL A 1272 30.83 35.51 -14.66
N SER A 1273 31.74 34.70 -14.13
CA SER A 1273 32.05 33.37 -14.69
C SER A 1273 30.97 32.34 -14.35
N TRP A 1274 30.97 31.25 -15.13
CA TRP A 1274 29.99 30.17 -15.00
C TRP A 1274 30.43 29.14 -13.97
N ASP A 1275 31.67 28.67 -14.11
CA ASP A 1275 32.23 27.62 -13.24
C ASP A 1275 32.56 28.05 -11.81
N SER A 1276 32.82 29.34 -11.60
CA SER A 1276 33.34 29.85 -10.32
C SER A 1276 32.38 29.67 -9.15
N ILE A 1277 31.20 30.28 -9.23
CA ILE A 1277 30.16 30.13 -8.22
C ILE A 1277 29.47 28.80 -8.48
N THR A 1278 29.36 27.96 -7.44
CA THR A 1278 28.69 26.66 -7.56
C THR A 1278 27.19 26.83 -7.75
N LEU A 1279 26.59 25.84 -8.40
CA LEU A 1279 25.19 25.91 -8.85
C LEU A 1279 24.14 26.25 -7.78
N GLN A 1280 24.46 26.02 -6.51
CA GLN A 1280 23.61 26.45 -5.41
C GLN A 1280 23.65 27.97 -5.24
N GLN A 1281 24.86 28.51 -5.06
CA GLN A 1281 25.06 29.94 -4.84
C GLN A 1281 24.80 30.81 -6.07
N TRP A 1282 24.95 30.22 -7.27
CA TRP A 1282 24.63 30.90 -8.53
C TRP A 1282 23.17 31.39 -8.60
N ARG A 1283 22.26 30.55 -8.14
CA ARG A 1283 20.81 30.85 -8.19
C ARG A 1283 20.37 32.02 -7.32
N LYS A 1284 21.19 32.43 -6.35
CA LYS A 1284 20.92 33.62 -5.52
C LYS A 1284 20.67 34.88 -6.35
N ALA A 1285 21.30 34.96 -7.54
CA ALA A 1285 21.07 36.08 -8.46
C ALA A 1285 19.67 36.12 -9.06
N PHE A 1286 19.12 34.95 -9.42
CA PHE A 1286 17.83 34.88 -10.13
C PHE A 1286 16.60 34.97 -9.22
N GLY A 1287 15.45 35.24 -9.84
CA GLY A 1287 14.15 35.29 -9.14
C GLY A 1287 13.00 34.89 -10.05
N VAL A 1288 12.45 33.70 -9.83
CA VAL A 1288 11.38 33.14 -10.66
C VAL A 1288 10.02 33.32 -9.97
N ILE A 1289 8.99 33.55 -10.80
CA ILE A 1289 7.59 33.65 -10.35
C ILE A 1289 6.74 32.70 -11.22
N PRO A 1290 6.82 31.39 -10.94
CA PRO A 1290 6.26 30.39 -11.86
C PRO A 1290 4.73 30.21 -11.74
N GLN A 1291 4.20 29.23 -12.47
CA GLN A 1291 2.77 28.89 -12.44
C GLN A 1291 2.41 28.32 -11.07
N LYS A 1292 3.18 27.32 -10.65
CA LYS A 1292 3.08 26.76 -9.30
C LYS A 1292 3.81 27.69 -8.32
N VAL A 1293 3.24 27.85 -7.13
CA VAL A 1293 3.89 28.63 -6.05
C VAL A 1293 3.98 27.73 -4.81
N PHE A 1294 5.16 27.72 -4.18
CA PHE A 1294 5.42 26.85 -3.03
C PHE A 1294 4.75 27.39 -1.76
N ILE A 1295 4.07 26.51 -1.03
CA ILE A 1295 3.32 26.86 0.17
C ILE A 1295 3.79 25.97 1.33
N PHE A 1296 4.40 26.59 2.34
CA PHE A 1296 4.74 25.89 3.59
C PHE A 1296 3.48 25.63 4.40
N SER A 1297 3.55 24.63 5.28
CA SER A 1297 2.51 24.39 6.28
C SER A 1297 2.94 25.04 7.60
N GLY A 1298 2.92 26.38 7.61
CA GLY A 1298 3.39 27.15 8.75
C GLY A 1298 3.12 28.64 8.66
N THR A 1299 4.03 29.42 9.24
CA THR A 1299 3.84 30.85 9.49
C THR A 1299 4.43 31.74 8.39
N PHE A 1300 3.85 32.92 8.23
CA PHE A 1300 4.33 33.92 7.26
C PHE A 1300 5.73 34.45 7.59
N ARG A 1301 6.11 34.39 8.87
CA ARG A 1301 7.50 34.64 9.28
C ARG A 1301 8.44 33.58 8.70
N LYS A 1302 8.01 32.32 8.75
CA LYS A 1302 8.79 31.19 8.21
C LYS A 1302 8.76 31.11 6.67
N ASN A 1303 7.65 31.50 6.05
CA ASN A 1303 7.52 31.49 4.58
C ASN A 1303 8.50 32.43 3.88
N LEU A 1304 8.52 33.69 4.32
CA LEU A 1304 9.42 34.70 3.75
C LEU A 1304 10.90 34.47 4.09
N ASP A 1305 11.18 33.78 5.20
CA ASP A 1305 12.55 33.61 5.70
C ASP A 1305 12.74 32.26 6.41
N PRO A 1306 13.01 31.19 5.63
CA PRO A 1306 13.36 29.88 6.21
C PRO A 1306 14.69 29.83 6.97
N TYR A 1307 15.67 30.62 6.54
CA TYR A 1307 16.95 30.75 7.25
C TYR A 1307 16.87 31.55 8.56
N GLU A 1308 15.81 32.37 8.70
CA GLU A 1308 15.59 33.22 9.88
C GLU A 1308 16.73 34.21 10.16
N GLN A 1309 17.12 34.96 9.12
CA GLN A 1309 18.10 36.04 9.22
C GLN A 1309 17.62 37.31 8.51
N TRP A 1310 16.36 37.70 8.77
CA TRP A 1310 15.82 39.00 8.35
C TRP A 1310 14.95 39.55 9.48
N SER A 1311 15.15 40.82 9.81
CA SER A 1311 14.41 41.48 10.89
C SER A 1311 12.97 41.77 10.50
N ASP A 1312 12.09 41.88 11.50
CA ASP A 1312 10.66 42.10 11.28
C ASP A 1312 10.36 43.49 10.71
N GLN A 1313 11.14 44.49 11.15
CA GLN A 1313 11.01 45.86 10.68
C GLN A 1313 11.09 45.94 9.16
N GLU A 1314 12.15 45.35 8.60
CA GLU A 1314 12.36 45.34 7.15
C GLU A 1314 11.46 44.37 6.39
N ILE A 1315 11.04 43.27 7.05
CA ILE A 1315 10.01 42.39 6.47
C ILE A 1315 8.71 43.18 6.31
N TRP A 1316 8.31 43.91 7.35
CA TRP A 1316 7.13 44.78 7.30
C TRP A 1316 7.31 45.96 6.33
N LYS A 1317 8.52 46.54 6.28
CA LYS A 1317 8.81 47.64 5.36
C LYS A 1317 8.80 47.19 3.89
N VAL A 1318 9.27 45.97 3.64
CA VAL A 1318 9.20 45.37 2.29
C VAL A 1318 7.76 44.97 1.97
N ALA A 1319 7.07 44.35 2.93
CA ALA A 1319 5.65 44.00 2.80
C ALA A 1319 4.75 45.21 2.50
N ASP A 1320 5.15 46.39 2.99
CA ASP A 1320 4.49 47.65 2.67
C ASP A 1320 4.74 48.07 1.21
N GLU A 1321 6.01 47.98 0.78
CA GLU A 1321 6.39 48.35 -0.60
C GLU A 1321 5.78 47.43 -1.64
N VAL A 1322 5.95 46.12 -1.45
CA VAL A 1322 5.43 45.12 -2.41
C VAL A 1322 3.90 45.02 -2.46
N GLY A 1323 3.25 45.36 -1.35
CA GLY A 1323 1.79 45.39 -1.27
C GLY A 1323 1.16 44.16 -0.64
N LEU A 1324 1.81 43.63 0.39
CA LEU A 1324 1.23 42.58 1.24
C LEU A 1324 0.65 43.14 2.55
N ARG A 1325 0.95 44.41 2.86
CA ARG A 1325 0.54 45.09 4.10
C ARG A 1325 -0.88 44.77 4.56
N SER A 1326 -1.85 44.96 3.68
CA SER A 1326 -3.27 44.80 4.01
C SER A 1326 -3.65 43.34 4.29
N VAL A 1327 -3.45 42.48 3.30
CA VAL A 1327 -3.89 41.07 3.37
C VAL A 1327 -3.18 40.31 4.49
N ILE A 1328 -1.92 40.68 4.75
CA ILE A 1328 -1.20 40.20 5.94
C ILE A 1328 -1.92 40.68 7.22
N GLU A 1329 -2.29 41.96 7.24
CA GLU A 1329 -2.99 42.55 8.40
C GLU A 1329 -4.44 42.08 8.61
N GLN A 1330 -5.06 41.49 7.58
CA GLN A 1330 -6.39 40.87 7.72
C GLN A 1330 -6.27 39.36 8.03
N PHE A 1331 -5.62 39.06 9.15
CA PHE A 1331 -5.44 37.68 9.65
C PHE A 1331 -5.06 37.73 11.15
N PRO A 1332 -5.20 36.60 11.87
CA PRO A 1332 -4.89 36.61 13.31
C PRO A 1332 -3.39 36.69 13.57
N GLY A 1333 -3.02 37.55 14.52
CA GLY A 1333 -1.61 37.79 14.85
C GLY A 1333 -1.03 38.85 13.94
N LYS A 1334 0.19 38.61 13.45
CA LYS A 1334 0.87 39.51 12.51
C LYS A 1334 1.40 38.74 11.30
N LEU A 1335 2.33 37.83 11.56
CA LEU A 1335 2.88 36.93 10.54
C LEU A 1335 2.93 35.47 11.03
N ASP A 1336 2.12 35.16 12.05
CA ASP A 1336 2.17 33.88 12.77
C ASP A 1336 1.02 32.92 12.41
N PHE A 1337 0.23 33.26 11.39
CA PHE A 1337 -0.92 32.45 10.98
C PHE A 1337 -0.46 31.18 10.25
N VAL A 1338 -1.00 30.04 10.67
CA VAL A 1338 -0.60 28.73 10.14
C VAL A 1338 -1.32 28.47 8.81
N LEU A 1339 -0.54 28.25 7.74
CA LEU A 1339 -1.10 27.99 6.41
C LEU A 1339 -1.54 26.52 6.27
N VAL A 1340 -2.72 26.22 6.79
CA VAL A 1340 -3.31 24.88 6.70
C VAL A 1340 -3.94 24.61 5.34
N ASP A 1341 -4.14 23.33 5.03
CA ASP A 1341 -4.81 22.85 3.81
C ASP A 1341 -4.16 23.28 2.48
N GLY A 1342 -2.84 23.50 2.51
CA GLY A 1342 -2.08 23.89 1.31
C GLY A 1342 -2.43 25.24 0.72
N GLY A 1343 -2.66 26.23 1.59
CA GLY A 1343 -2.94 27.60 1.16
C GLY A 1343 -4.29 27.78 0.49
N CYS A 1344 -5.35 27.43 1.23
CA CYS A 1344 -6.72 27.52 0.73
C CYS A 1344 -7.23 28.96 0.69
N VAL A 1345 -6.95 29.71 1.76
CA VAL A 1345 -7.37 31.12 1.88
C VAL A 1345 -6.75 32.04 0.82
N LEU A 1346 -5.47 31.83 0.51
CA LEU A 1346 -4.74 32.66 -0.45
C LEU A 1346 -5.08 32.28 -1.89
N SER A 1347 -5.45 33.28 -2.69
CA SER A 1347 -5.64 33.12 -4.13
C SER A 1347 -4.31 33.21 -4.87
N HIS A 1348 -4.35 33.11 -6.20
CA HIS A 1348 -3.14 33.19 -7.03
C HIS A 1348 -2.40 34.51 -6.85
N GLY A 1349 -3.11 35.61 -7.05
CA GLY A 1349 -2.55 36.97 -6.90
C GLY A 1349 -1.79 37.24 -5.62
N HIS A 1350 -2.26 36.65 -4.52
CA HIS A 1350 -1.58 36.73 -3.24
C HIS A 1350 -0.30 35.90 -3.22
N LYS A 1351 -0.35 34.73 -3.86
CA LYS A 1351 0.85 33.89 -4.04
C LYS A 1351 1.88 34.56 -4.95
N GLN A 1352 1.40 35.33 -5.93
CA GLN A 1352 2.29 36.14 -6.79
C GLN A 1352 2.99 37.25 -5.98
N LEU A 1353 2.24 37.93 -5.12
CA LEU A 1353 2.81 38.94 -4.22
C LEU A 1353 3.76 38.33 -3.18
N MET A 1354 3.40 37.14 -2.68
CA MET A 1354 4.22 36.42 -1.70
C MET A 1354 5.53 35.98 -2.35
N CYS A 1355 5.42 35.37 -3.54
CA CYS A 1355 6.58 35.00 -4.34
C CYS A 1355 7.42 36.21 -4.78
N LEU A 1356 6.75 37.33 -5.03
CA LEU A 1356 7.40 38.60 -5.35
C LEU A 1356 8.21 39.12 -4.17
N ALA A 1357 7.56 39.27 -3.01
CA ALA A 1357 8.21 39.73 -1.78
C ALA A 1357 9.43 38.88 -1.40
N ARG A 1358 9.26 37.57 -1.54
CA ARG A 1358 10.34 36.59 -1.34
C ARG A 1358 11.56 36.90 -2.22
N SER A 1359 11.28 37.28 -3.47
CA SER A 1359 12.33 37.68 -4.41
C SER A 1359 12.93 39.05 -4.10
N VAL A 1360 12.08 40.02 -3.75
CA VAL A 1360 12.53 41.40 -3.46
C VAL A 1360 13.46 41.44 -2.25
N LEU A 1361 13.12 40.67 -1.22
CA LEU A 1361 13.98 40.54 -0.03
C LEU A 1361 15.34 39.87 -0.32
N SER A 1362 15.40 39.07 -1.39
CA SER A 1362 16.65 38.44 -1.85
C SER A 1362 17.56 39.33 -2.73
N LYS A 1363 17.17 40.58 -2.98
CA LYS A 1363 17.90 41.53 -3.87
C LYS A 1363 18.40 40.92 -5.19
N ALA A 1364 17.48 40.22 -5.88
CA ALA A 1364 17.77 39.54 -7.13
C ALA A 1364 17.97 40.52 -8.28
N LYS A 1365 18.96 40.25 -9.14
CA LYS A 1365 19.28 41.11 -10.28
C LYS A 1365 18.31 40.89 -11.43
N ILE A 1366 18.17 39.62 -11.84
CA ILE A 1366 17.36 39.22 -13.01
C ILE A 1366 16.12 38.46 -12.53
N LEU A 1367 14.99 38.69 -13.19
CA LEU A 1367 13.72 37.99 -12.88
C LEU A 1367 13.08 37.34 -14.10
N LEU A 1368 12.47 36.17 -13.87
CA LEU A 1368 11.81 35.37 -14.92
C LEU A 1368 10.30 35.27 -14.67
N LEU A 1369 9.51 35.79 -15.61
CA LEU A 1369 8.04 35.79 -15.51
C LEU A 1369 7.42 34.80 -16.51
N ASP A 1370 6.69 33.80 -15.99
CA ASP A 1370 6.10 32.73 -16.80
C ASP A 1370 4.56 32.76 -16.72
N GLU A 1371 3.93 33.35 -17.75
CA GLU A 1371 2.47 33.48 -17.87
C GLU A 1371 1.79 34.18 -16.68
N PRO A 1372 1.90 35.52 -16.61
CA PRO A 1372 1.16 36.28 -15.60
C PRO A 1372 -0.32 36.46 -15.95
N SER A 1373 -0.61 36.88 -17.18
CA SER A 1373 -1.98 37.22 -17.60
C SER A 1373 -2.92 36.01 -17.85
N ALA A 1374 -2.35 34.81 -18.00
CA ALA A 1374 -3.14 33.61 -18.31
C ALA A 1374 -4.00 33.17 -17.11
N HIS A 1375 -3.35 32.87 -15.99
CA HIS A 1375 -4.04 32.42 -14.78
C HIS A 1375 -4.73 33.57 -14.02
N LEU A 1376 -4.07 34.72 -13.94
CA LEU A 1376 -4.60 35.88 -13.22
C LEU A 1376 -5.69 36.60 -14.00
N ASP A 1377 -6.38 37.51 -13.33
CA ASP A 1377 -7.45 38.33 -13.92
C ASP A 1377 -7.04 39.81 -13.99
N PRO A 1378 -7.60 40.59 -14.96
CA PRO A 1378 -7.20 41.98 -15.22
C PRO A 1378 -6.93 42.88 -14.01
N VAL A 1379 -7.78 42.77 -12.99
CA VAL A 1379 -7.62 43.54 -11.74
C VAL A 1379 -6.34 43.13 -11.01
N THR A 1380 -6.13 41.82 -10.88
CA THR A 1380 -4.91 41.28 -10.26
C THR A 1380 -3.67 41.61 -11.11
N TYR A 1381 -3.80 41.45 -12.43
CA TYR A 1381 -2.74 41.79 -13.38
C TYR A 1381 -2.34 43.27 -13.29
N GLN A 1382 -3.34 44.14 -13.14
CA GLN A 1382 -3.10 45.57 -12.92
C GLN A 1382 -2.49 45.84 -11.55
N ILE A 1383 -3.06 45.22 -10.50
CA ILE A 1383 -2.56 45.38 -9.12
C ILE A 1383 -1.10 44.92 -8.98
N ILE A 1384 -0.72 43.82 -9.64
CA ILE A 1384 0.67 43.36 -9.67
C ILE A 1384 1.55 44.32 -10.47
N ARG A 1385 1.18 44.54 -11.74
CA ARG A 1385 2.00 45.32 -12.67
C ARG A 1385 2.18 46.79 -12.26
N ARG A 1386 1.16 47.38 -11.65
CA ARG A 1386 1.21 48.78 -11.22
C ARG A 1386 2.11 49.02 -9.99
N THR A 1387 2.47 47.96 -9.28
CA THR A 1387 3.51 48.02 -8.23
C THR A 1387 4.85 47.37 -8.63
N LEU A 1388 4.82 46.42 -9.57
CA LEU A 1388 6.02 45.66 -9.98
C LEU A 1388 7.09 46.51 -10.67
N LYS A 1389 6.66 47.43 -11.53
CA LYS A 1389 7.58 48.22 -12.36
C LYS A 1389 8.44 49.19 -11.55
N GLN A 1390 7.85 49.89 -10.58
CA GLN A 1390 8.62 50.74 -9.65
C GLN A 1390 9.43 49.89 -8.66
N ALA A 1391 8.93 48.70 -8.32
CA ALA A 1391 9.69 47.74 -7.50
C ALA A 1391 10.93 47.19 -8.21
N PHE A 1392 10.85 47.01 -9.53
CA PHE A 1392 12.00 46.63 -10.36
C PHE A 1392 12.22 47.64 -11.50
N ALA A 1393 12.33 48.92 -11.14
CA ALA A 1393 12.60 49.99 -12.10
C ALA A 1393 14.02 49.93 -12.66
N ASP A 1394 15.00 49.72 -11.78
CA ASP A 1394 16.41 49.59 -12.16
C ASP A 1394 16.89 48.14 -11.97
N CYS A 1395 16.14 47.21 -12.58
CA CYS A 1395 16.47 45.78 -12.56
C CYS A 1395 16.08 45.10 -13.87
N THR A 1396 16.79 44.02 -14.22
CA THR A 1396 16.51 43.27 -15.44
C THR A 1396 15.25 42.42 -15.27
N VAL A 1397 14.38 42.42 -16.29
CA VAL A 1397 13.12 41.67 -16.28
C VAL A 1397 12.96 40.93 -17.59
N ILE A 1398 12.51 39.67 -17.52
CA ILE A 1398 12.27 38.83 -18.71
C ILE A 1398 10.83 38.30 -18.66
N LEU A 1399 9.96 38.89 -19.50
CA LEU A 1399 8.55 38.50 -19.58
C LEU A 1399 8.32 37.59 -20.80
N CYS A 1400 7.58 36.50 -20.61
CA CYS A 1400 7.21 35.59 -21.69
C CYS A 1400 5.69 35.52 -21.84
N GLU A 1401 5.19 35.84 -23.05
CA GLU A 1401 3.76 35.88 -23.34
C GLU A 1401 3.46 35.33 -24.74
N HIS A 1402 2.27 34.78 -24.92
CA HIS A 1402 1.78 34.33 -26.23
C HIS A 1402 1.28 35.49 -27.08
N ARG A 1403 0.60 36.45 -26.44
CA ARG A 1403 0.10 37.64 -27.12
C ARG A 1403 1.23 38.66 -27.32
N ILE A 1404 1.38 39.15 -28.54
CA ILE A 1404 2.45 40.12 -28.87
C ILE A 1404 2.19 41.51 -28.27
N GLU A 1405 0.92 41.93 -28.24
CA GLU A 1405 0.53 43.21 -27.62
C GLU A 1405 0.67 43.22 -26.09
N ALA A 1406 0.65 42.04 -25.46
CA ALA A 1406 0.84 41.91 -24.00
C ALA A 1406 2.25 42.32 -23.53
N MET A 1407 3.22 42.30 -24.44
CA MET A 1407 4.58 42.77 -24.16
C MET A 1407 4.92 44.02 -25.00
N LEU A 1408 4.00 44.97 -25.02
CA LEU A 1408 4.22 46.27 -25.69
C LEU A 1408 5.19 47.13 -24.88
N GLU A 1409 5.05 47.09 -23.55
CA GLU A 1409 5.92 47.84 -22.63
C GLU A 1409 7.37 47.32 -22.61
N CYS A 1410 7.57 46.04 -22.97
CA CYS A 1410 8.91 45.45 -23.02
C CYS A 1410 9.76 46.09 -24.11
N GLN A 1411 10.90 46.66 -23.71
CA GLN A 1411 11.76 47.42 -24.63
C GLN A 1411 12.50 46.49 -25.57
N GLN A 1412 13.28 45.57 -24.99
CA GLN A 1412 14.06 44.61 -25.77
C GLN A 1412 13.20 43.40 -26.12
N PHE A 1413 13.55 42.73 -27.21
CA PHE A 1413 12.84 41.53 -27.66
C PHE A 1413 13.82 40.42 -28.02
N LEU A 1414 13.42 39.17 -27.78
CA LEU A 1414 14.24 38.00 -28.11
C LEU A 1414 13.43 36.98 -28.91
N VAL A 1415 13.94 36.61 -30.10
CA VAL A 1415 13.30 35.61 -30.95
C VAL A 1415 14.05 34.28 -30.82
N ILE A 1416 13.30 33.20 -30.57
CA ILE A 1416 13.86 31.85 -30.42
C ILE A 1416 13.37 30.98 -31.57
N GLU A 1417 14.27 30.16 -32.14
CA GLU A 1417 13.91 29.24 -33.23
C GLU A 1417 14.96 28.14 -33.42
N GLU A 1418 14.64 27.18 -34.29
CA GLU A 1418 15.50 26.00 -34.53
C GLU A 1418 16.91 26.41 -34.96
N ASN A 1419 17.87 26.16 -34.07
CA ASN A 1419 19.31 26.44 -34.28
C ASN A 1419 19.65 27.93 -34.46
N LYS A 1420 18.84 28.83 -33.90
CA LYS A 1420 19.11 30.27 -33.96
C LYS A 1420 18.33 31.06 -32.90
N VAL A 1421 19.01 32.03 -32.28
CA VAL A 1421 18.39 32.99 -31.35
C VAL A 1421 18.89 34.38 -31.71
N ARG A 1422 17.97 35.35 -31.79
CA ARG A 1422 18.30 36.72 -32.18
C ARG A 1422 17.60 37.75 -31.30
N GLN A 1423 18.32 38.85 -31.03
CA GLN A 1423 17.86 39.94 -30.18
C GLN A 1423 17.35 41.09 -31.04
N TYR A 1424 16.03 41.32 -31.01
CA TYR A 1424 15.38 42.40 -31.75
C TYR A 1424 15.21 43.64 -30.87
N ASP A 1425 15.38 44.81 -31.47
CA ASP A 1425 15.39 46.09 -30.75
C ASP A 1425 13.99 46.62 -30.41
N SER A 1426 13.04 46.44 -31.33
CA SER A 1426 11.67 46.97 -31.16
C SER A 1426 10.62 46.18 -31.96
N ILE A 1427 9.36 46.56 -31.79
CA ILE A 1427 8.22 45.94 -32.52
C ILE A 1427 8.37 46.13 -34.04
N GLN A 1428 8.76 47.33 -34.47
CA GLN A 1428 8.97 47.64 -35.89
C GLN A 1428 10.04 46.77 -36.57
N LYS A 1429 11.02 46.30 -35.78
CA LYS A 1429 12.04 45.38 -36.28
C LYS A 1429 11.47 43.97 -36.44
N LEU A 1430 10.76 43.50 -35.41
CA LEU A 1430 10.30 42.11 -35.35
C LEU A 1430 9.04 41.87 -36.17
N LEU A 1431 7.98 42.60 -35.82
CA LEU A 1431 6.62 42.39 -36.37
C LEU A 1431 6.56 42.32 -37.89
N ASN A 1432 7.28 43.21 -38.57
CA ASN A 1432 7.32 43.21 -40.04
C ASN A 1432 8.21 42.11 -40.66
N GLU A 1433 9.30 41.75 -39.97
CA GLU A 1433 10.29 40.80 -40.51
C GLU A 1433 9.73 39.37 -40.61
N ARG A 1434 9.13 38.89 -39.53
CA ARG A 1434 8.58 37.54 -39.46
C ARG A 1434 7.24 37.44 -40.23
N SER A 1435 6.38 38.43 -40.05
CA SER A 1435 5.08 38.46 -40.71
C SER A 1435 5.22 38.78 -42.20
N LEU A 1436 5.77 39.96 -42.51
CA LEU A 1436 5.95 40.40 -43.91
C LEU A 1436 7.33 39.97 -44.42
N UNK B 1 -9.14 9.36 -2.13
CA UNK B 1 -8.98 10.55 -3.04
C UNK B 1 -8.45 10.18 -4.42
N UNK B 2 -7.26 9.60 -4.46
CA UNK B 2 -6.58 9.26 -5.71
C UNK B 2 -7.05 7.90 -6.24
N UNK B 3 -7.30 7.82 -7.54
CA UNK B 3 -7.74 6.59 -8.21
C UNK B 3 -6.56 5.89 -8.91
N UNK B 4 -5.76 5.19 -8.11
CA UNK B 4 -4.61 4.44 -8.61
C UNK B 4 -4.18 3.37 -7.61
N UNK B 5 -3.79 2.20 -8.13
CA UNK B 5 -3.46 1.04 -7.28
C UNK B 5 -2.07 1.21 -6.65
N UNK B 6 -2.01 0.99 -5.34
CA UNK B 6 -0.74 1.07 -4.59
C UNK B 6 0.18 -0.12 -4.84
N UNK B 7 -0.39 -1.26 -5.26
CA UNK B 7 0.38 -2.48 -5.54
C UNK B 7 1.34 -2.36 -6.74
N UNK B 8 0.95 -1.55 -7.73
CA UNK B 8 1.78 -1.36 -8.95
C UNK B 8 3.12 -0.68 -8.68
N UNK B 9 3.11 0.35 -7.83
CA UNK B 9 4.33 1.08 -7.44
C UNK B 9 5.33 0.18 -6.71
N UNK B 10 4.83 -0.70 -5.85
CA UNK B 10 5.66 -1.72 -5.19
C UNK B 10 6.11 -2.78 -6.20
N UNK B 11 5.17 -3.27 -7.00
CA UNK B 11 5.43 -4.28 -8.05
C UNK B 11 6.52 -3.86 -9.04
N UNK B 12 6.56 -2.58 -9.38
CA UNK B 12 7.63 -2.03 -10.23
C UNK B 12 8.99 -2.06 -9.54
N UNK B 13 9.03 -1.71 -8.25
CA UNK B 13 10.27 -1.68 -7.47
C UNK B 13 10.72 -3.03 -6.88
N UNK B 14 9.84 -4.04 -6.93
CA UNK B 14 10.13 -5.35 -6.35
C UNK B 14 11.21 -6.15 -7.11
N UNK B 15 11.18 -6.06 -8.44
CA UNK B 15 12.13 -6.79 -9.29
C UNK B 15 13.59 -6.30 -9.17
N UNK B 16 13.75 -4.98 -8.99
CA UNK B 16 15.08 -4.37 -8.85
C UNK B 16 15.77 -4.71 -7.53
N UNK B 17 15.00 -4.89 -6.46
CA UNK B 17 15.54 -5.22 -5.14
C UNK B 17 16.24 -6.58 -5.13
N UNK B 18 15.56 -7.59 -5.68
CA UNK B 18 16.08 -8.96 -5.83
C UNK B 18 16.43 -9.62 -4.50
N UNK B 19 15.44 -10.31 -3.93
CA UNK B 19 15.60 -11.01 -2.64
C UNK B 19 16.59 -12.17 -2.75
#